data_8W38
#
_entry.id   8W38
#
_cell.length_a   80.252
_cell.length_b   129.872
_cell.length_c   131.423
_cell.angle_alpha   90.000
_cell.angle_beta   90.000
_cell.angle_gamma   90.000
#
_symmetry.space_group_name_H-M   'P 21 21 2'
#
loop_
_entity.id
_entity.type
_entity.pdbx_description
1 polymer 'Fibroblast growth factor receptor 2'
2 non-polymer 1-[(3S)-3-{4-amino-3-[(3,5-dimethoxyphenyl)ethynyl]-1H-pyrazolo[3,4-d]pyrimidin-1-yl}pyrrolidin-1-yl]prop-2-en-1-one
3 non-polymer 'SULFATE ION'
4 water water
#
_entity_poly.entity_id   1
_entity_poly.type   'polypeptide(L)'
_entity_poly.pdbx_seq_one_letter_code
;MGSSHHHHHHSQDPMLAGVSEYELPEDPKWEFPRDKLTLGKPLGEGCFGQVVMAEAVGIDKDKPKEAVTVAVKMLKDDAT
EKDLSDLVSEMEMMKMIGKHKNIIDLLGACTQDGPLYVIVEYASKGNLREYLRARRPPGMEYSYDINRVPEEQMTFKDLV
SCTYQLARGMEYLASQKCIHRDLAARNVLVTENNVMKIADFGLARVINNIDYYKKTTNGRLPVKWMAPEALFDRVYTHQS
DVWSFGVLMWEIFTLGGSPYPGIPVEELFKLLKEGHRMDKPANCTNELYMMMRDCWHAVPSQRPTFKQLVEDLDRILTLT
TNEE
;
_entity_poly.pdbx_strand_id   A,B,C,D
#
loop_
_chem_comp.id
_chem_comp.type
_chem_comp.name
_chem_comp.formula
SO4 non-polymer 'SULFATE ION' 'O4 S -2'
TZ0 non-polymer 1-[(3S)-3-{4-amino-3-[(3,5-dimethoxyphenyl)ethynyl]-1H-pyrazolo[3,4-d]pyrimidin-1-yl}pyrrolidin-1-yl]prop-2-en-1-one 'C22 H22 N6 O3'
#
# COMPACT_ATOMS: atom_id res chain seq x y z
N GLU A 23 -44.23 21.20 14.28
CA GLU A 23 -43.93 22.33 13.37
C GLU A 23 -43.18 21.81 12.15
N LEU A 24 -42.75 20.55 12.21
CA LEU A 24 -41.94 19.97 11.15
C LEU A 24 -42.71 18.81 10.53
N PRO A 25 -43.02 18.86 9.21
CA PRO A 25 -43.65 17.73 8.52
C PRO A 25 -42.70 16.54 8.43
N GLU A 26 -43.23 15.35 8.68
CA GLU A 26 -42.48 14.10 8.70
C GLU A 26 -42.03 13.75 7.28
N ASP A 27 -40.76 13.31 7.17
CA ASP A 27 -40.25 12.75 5.93
C ASP A 27 -39.78 11.33 6.22
N PRO A 28 -40.63 10.30 5.93
CA PRO A 28 -40.39 8.94 6.42
C PRO A 28 -39.10 8.31 5.89
N LYS A 29 -38.65 8.76 4.71
CA LYS A 29 -37.51 8.15 4.03
C LYS A 29 -36.21 8.64 4.65
N TRP A 30 -36.26 9.75 5.40
CA TRP A 30 -35.07 10.35 5.97
C TRP A 30 -35.06 10.23 7.49
N GLU A 31 -36.26 10.12 8.08
CA GLU A 31 -36.43 10.07 9.53
C GLU A 31 -35.57 8.96 10.12
N PHE A 32 -34.99 9.24 11.31
CA PHE A 32 -34.17 8.27 12.02
C PHE A 32 -34.58 8.28 13.49
N PRO A 33 -34.87 7.10 14.09
CA PRO A 33 -35.36 7.02 15.47
C PRO A 33 -34.32 7.51 16.48
N ARG A 34 -34.80 8.29 17.46
CA ARG A 34 -33.97 8.94 18.47
C ARG A 34 -33.31 7.92 19.39
N ASP A 35 -34.03 6.82 19.66
CA ASP A 35 -33.60 5.77 20.58
C ASP A 35 -32.37 5.03 20.04
N LYS A 36 -32.02 5.31 18.78
CA LYS A 36 -30.95 4.62 18.08
C LYS A 36 -29.69 5.48 18.04
N LEU A 37 -29.84 6.74 18.47
CA LEU A 37 -28.80 7.76 18.32
C LEU A 37 -28.31 8.20 19.70
N THR A 38 -27.00 8.07 19.93
CA THR A 38 -26.39 8.46 21.19
C THR A 38 -25.35 9.54 20.95
N LEU A 39 -25.56 10.70 21.57
CA LEU A 39 -24.69 11.86 21.43
C LEU A 39 -23.43 11.65 22.26
N GLY A 40 -22.30 12.16 21.73
CA GLY A 40 -21.01 12.13 22.41
C GLY A 40 -20.47 13.53 22.65
N LYS A 41 -19.22 13.74 22.22
CA LYS A 41 -18.49 14.97 22.53
C LYS A 41 -18.75 16.02 21.46
N PRO A 42 -18.76 17.32 21.82
CA PRO A 42 -18.79 18.40 20.83
C PRO A 42 -17.55 18.39 19.95
N LEU A 43 -17.72 18.78 18.68
CA LEU A 43 -16.69 18.58 17.67
C LEU A 43 -15.98 19.88 17.31
N GLY A 44 -16.41 21.02 17.89
CA GLY A 44 -15.63 22.24 17.72
C GLY A 44 -16.46 23.53 17.78
N GLU A 45 -17.39 23.68 16.82
CA GLU A 45 -18.20 24.87 16.65
C GLU A 45 -17.38 26.00 16.02
N GLY A 46 -18.06 26.82 15.21
CA GLY A 46 -17.45 28.00 14.62
C GLY A 46 -17.59 28.03 13.10
N CYS A 47 -17.48 26.84 12.49
CA CYS A 47 -17.45 26.72 11.04
C CYS A 47 -18.75 26.10 10.52
N PHE A 48 -19.38 25.23 11.33
CA PHE A 48 -20.51 24.45 10.86
C PHE A 48 -21.64 24.48 11.89
N GLY A 49 -21.62 25.47 12.78
CA GLY A 49 -22.61 25.56 13.85
C GLY A 49 -22.27 24.58 14.97
N GLN A 50 -23.24 24.31 15.86
CA GLN A 50 -23.02 23.37 16.95
C GLN A 50 -23.15 21.94 16.43
N VAL A 51 -22.02 21.22 16.39
CA VAL A 51 -21.98 19.86 15.92
C VAL A 51 -21.39 18.95 17.00
N VAL A 52 -21.96 17.75 17.14
CA VAL A 52 -21.51 16.78 18.13
C VAL A 52 -21.27 15.43 17.45
N MET A 53 -20.35 14.65 18.03
CA MET A 53 -20.16 13.27 17.65
C MET A 53 -21.30 12.43 18.21
N ALA A 54 -21.63 11.34 17.51
CA ALA A 54 -22.72 10.47 17.92
C ALA A 54 -22.56 9.10 17.28
N GLU A 55 -23.28 8.13 17.84
CA GLU A 55 -23.39 6.79 17.30
C GLU A 55 -24.84 6.52 16.93
N ALA A 56 -25.05 5.98 15.72
CA ALA A 56 -26.39 5.74 15.19
C ALA A 56 -26.48 4.31 14.68
N VAL A 57 -27.28 3.48 15.38
CA VAL A 57 -27.40 2.07 15.07
C VAL A 57 -28.39 1.91 13.91
N GLY A 58 -27.89 1.36 12.80
CA GLY A 58 -28.71 0.97 11.67
C GLY A 58 -28.95 2.10 10.67
N ILE A 59 -28.19 3.20 10.79
CA ILE A 59 -28.31 4.31 9.84
C ILE A 59 -27.67 3.90 8.53
N ASP A 60 -26.53 3.20 8.61
CA ASP A 60 -25.79 2.76 7.44
C ASP A 60 -26.43 1.48 6.91
N LYS A 61 -27.11 1.61 5.77
CA LYS A 61 -27.90 0.52 5.22
C LYS A 61 -27.00 -0.63 4.78
N ASP A 62 -25.75 -0.30 4.42
CA ASP A 62 -24.76 -1.27 3.98
C ASP A 62 -24.45 -2.27 5.10
N LYS A 63 -24.47 -1.78 6.35
CA LYS A 63 -24.25 -2.59 7.54
C LYS A 63 -25.32 -2.22 8.56
N PRO A 64 -26.54 -2.80 8.45
CA PRO A 64 -27.72 -2.26 9.13
C PRO A 64 -27.89 -2.75 10.57
N LYS A 65 -26.81 -3.34 11.12
CA LYS A 65 -26.82 -3.82 12.50
C LYS A 65 -25.72 -3.09 13.27
N GLU A 66 -24.80 -2.48 12.52
CA GLU A 66 -23.60 -1.87 13.07
C GLU A 66 -23.92 -0.49 13.62
N ALA A 67 -23.17 -0.09 14.66
CA ALA A 67 -23.27 1.22 15.26
C ALA A 67 -22.22 2.14 14.64
N VAL A 68 -22.68 2.99 13.71
CA VAL A 68 -21.79 3.81 12.90
C VAL A 68 -21.61 5.16 13.60
N THR A 69 -20.38 5.70 13.49
CA THR A 69 -20.03 7.02 13.99
C THR A 69 -20.50 8.07 13.00
N VAL A 70 -21.17 9.10 13.51
CA VAL A 70 -21.75 10.14 12.69
C VAL A 70 -21.53 11.48 13.38
N ALA A 71 -21.98 12.55 12.72
CA ALA A 71 -21.99 13.87 13.32
C ALA A 71 -23.42 14.41 13.31
N VAL A 72 -23.76 15.15 14.36
CA VAL A 72 -25.11 15.68 14.50
C VAL A 72 -25.01 17.19 14.66
N LYS A 73 -25.73 17.90 13.80
CA LYS A 73 -25.90 19.34 13.94
C LYS A 73 -27.25 19.59 14.62
N MET A 74 -27.23 20.53 15.57
CA MET A 74 -28.37 20.78 16.44
C MET A 74 -28.30 22.25 16.87
N LEU A 75 -29.45 22.80 17.29
CA LEU A 75 -29.49 24.15 17.79
C LEU A 75 -28.85 24.20 19.16
N LYS A 76 -28.26 25.36 19.49
CA LYS A 76 -27.65 25.60 20.78
C LYS A 76 -28.74 26.12 21.72
N ASP A 77 -28.40 26.26 23.00
CA ASP A 77 -29.33 26.79 23.99
C ASP A 77 -29.62 28.26 23.67
N ASP A 78 -28.67 28.92 22.99
CA ASP A 78 -28.78 30.34 22.68
C ASP A 78 -29.25 30.52 21.24
N ALA A 79 -29.82 29.48 20.64
CA ALA A 79 -30.30 29.50 19.27
C ALA A 79 -31.30 30.62 19.04
N THR A 80 -31.24 31.21 17.84
CA THR A 80 -32.16 32.24 17.41
C THR A 80 -33.23 31.60 16.53
N GLU A 81 -34.26 32.38 16.20
CA GLU A 81 -35.35 31.89 15.36
C GLU A 81 -34.82 31.53 13.98
N LYS A 82 -33.87 32.35 13.48
CA LYS A 82 -33.26 32.18 12.17
C LYS A 82 -32.40 30.92 12.13
N ASP A 83 -31.80 30.56 13.26
CA ASP A 83 -30.99 29.35 13.38
C ASP A 83 -31.82 28.13 13.03
N LEU A 84 -33.07 28.10 13.54
CA LEU A 84 -33.99 27.00 13.31
C LEU A 84 -34.27 26.86 11.81
N SER A 85 -34.69 27.96 11.17
CA SER A 85 -35.04 27.96 9.76
C SER A 85 -33.83 27.63 8.89
N ASP A 86 -32.64 28.09 9.31
CA ASP A 86 -31.40 27.84 8.59
C ASP A 86 -31.06 26.35 8.62
N LEU A 87 -31.23 25.73 9.80
CA LEU A 87 -30.90 24.32 9.97
C LEU A 87 -31.85 23.48 9.13
N VAL A 88 -33.13 23.88 9.05
CA VAL A 88 -34.12 23.21 8.22
C VAL A 88 -33.73 23.34 6.75
N SER A 89 -33.37 24.56 6.34
CA SER A 89 -33.01 24.87 4.96
C SER A 89 -31.76 24.11 4.51
N GLU A 90 -30.80 23.93 5.43
CA GLU A 90 -29.57 23.23 5.11
C GLU A 90 -29.89 21.75 4.89
N MET A 91 -30.79 21.22 5.72
CA MET A 91 -31.24 19.85 5.65
C MET A 91 -31.91 19.58 4.29
N GLU A 92 -32.89 20.43 3.93
CA GLU A 92 -33.64 20.29 2.70
C GLU A 92 -32.73 20.50 1.49
N MET A 93 -31.74 21.39 1.64
CA MET A 93 -30.75 21.66 0.61
C MET A 93 -29.92 20.39 0.39
N MET A 94 -29.53 19.74 1.50
CA MET A 94 -28.76 18.50 1.47
C MET A 94 -29.60 17.40 0.82
N LYS A 95 -30.90 17.39 1.11
CA LYS A 95 -31.82 16.38 0.58
C LYS A 95 -31.88 16.48 -0.94
N MET A 96 -31.93 17.70 -1.46
CA MET A 96 -32.20 17.94 -2.87
C MET A 96 -30.91 17.88 -3.70
N ILE A 97 -29.75 18.06 -3.05
CA ILE A 97 -28.46 18.06 -3.75
C ILE A 97 -28.11 16.65 -4.20
N GLY A 98 -28.37 15.66 -3.35
CA GLY A 98 -28.03 14.28 -3.65
C GLY A 98 -26.63 13.92 -3.18
N LYS A 99 -26.27 12.64 -3.42
CA LYS A 99 -25.08 12.01 -2.88
C LYS A 99 -23.95 12.12 -3.89
N HIS A 100 -22.77 12.52 -3.39
CA HIS A 100 -21.54 12.57 -4.16
C HIS A 100 -20.36 12.37 -3.21
N LYS A 101 -19.26 11.83 -3.75
CA LYS A 101 -18.10 11.42 -2.98
C LYS A 101 -17.41 12.62 -2.33
N ASN A 102 -17.60 13.81 -2.91
CA ASN A 102 -16.86 14.97 -2.45
C ASN A 102 -17.82 16.02 -1.89
N ILE A 103 -19.02 15.55 -1.54
CA ILE A 103 -20.03 16.35 -0.87
C ILE A 103 -20.42 15.59 0.40
N ILE A 104 -20.52 16.33 1.51
CA ILE A 104 -20.87 15.75 2.80
C ILE A 104 -22.31 15.22 2.74
N ASP A 105 -22.48 13.95 3.11
CA ASP A 105 -23.73 13.25 2.91
C ASP A 105 -24.68 13.47 4.08
N LEU A 106 -25.96 13.62 3.76
CA LEU A 106 -27.03 13.54 4.73
C LEU A 106 -27.35 12.06 4.98
N LEU A 107 -27.24 11.64 6.25
CA LEU A 107 -27.50 10.26 6.59
C LEU A 107 -28.95 10.12 7.07
N GLY A 108 -29.39 11.07 7.91
CA GLY A 108 -30.77 11.09 8.37
C GLY A 108 -31.07 12.32 9.22
N ALA A 109 -32.21 12.26 9.93
CA ALA A 109 -32.68 13.39 10.72
C ALA A 109 -33.71 12.95 11.76
N CYS A 110 -33.77 13.72 12.85
CA CYS A 110 -34.78 13.58 13.88
C CYS A 110 -35.61 14.86 13.93
N THR A 111 -36.88 14.78 13.54
CA THR A 111 -37.69 15.96 13.29
C THR A 111 -38.97 15.99 14.13
N GLN A 112 -39.24 14.91 14.87
CA GLN A 112 -40.48 14.86 15.66
C GLN A 112 -40.16 14.59 17.14
N ASP A 113 -41.07 15.06 17.99
CA ASP A 113 -41.05 14.84 19.44
C ASP A 113 -39.65 15.01 20.00
N GLY A 114 -39.15 16.26 19.94
CA GLY A 114 -37.88 16.59 20.53
C GLY A 114 -37.04 17.52 19.64
N PRO A 115 -35.79 17.84 20.04
CA PRO A 115 -34.96 18.79 19.30
C PRO A 115 -34.60 18.27 17.92
N LEU A 116 -34.41 19.21 16.98
CA LEU A 116 -34.09 18.91 15.60
C LEU A 116 -32.64 18.45 15.52
N TYR A 117 -32.46 17.20 15.08
CA TYR A 117 -31.13 16.65 14.83
C TYR A 117 -31.01 16.34 13.34
N VAL A 118 -29.98 16.93 12.71
CA VAL A 118 -29.59 16.60 11.35
C VAL A 118 -28.32 15.75 11.43
N ILE A 119 -28.39 14.53 10.90
CA ILE A 119 -27.28 13.59 10.98
C ILE A 119 -26.53 13.58 9.66
N VAL A 120 -25.19 13.72 9.76
CA VAL A 120 -24.33 13.81 8.59
C VAL A 120 -23.14 12.87 8.75
N GLU A 121 -22.45 12.65 7.62
CA GLU A 121 -21.22 11.87 7.55
C GLU A 121 -20.20 12.42 8.52
N TYR A 122 -19.46 11.52 9.18
CA TYR A 122 -18.38 11.91 10.07
C TYR A 122 -17.09 12.08 9.29
N ALA A 123 -16.35 13.16 9.58
CA ALA A 123 -15.06 13.44 8.95
C ALA A 123 -14.02 13.66 10.05
N SER A 124 -13.21 12.62 10.28
CA SER A 124 -12.39 12.51 11.49
C SER A 124 -11.26 13.54 11.54
N LYS A 125 -10.86 14.06 10.37
CA LYS A 125 -9.67 14.90 10.26
C LYS A 125 -10.02 16.39 10.18
N GLY A 126 -11.30 16.71 10.42
CA GLY A 126 -11.73 18.10 10.57
C GLY A 126 -11.84 18.83 9.24
N ASN A 127 -11.74 20.17 9.29
CA ASN A 127 -11.87 20.99 8.09
C ASN A 127 -10.51 21.06 7.39
N LEU A 128 -10.53 21.50 6.12
CA LEU A 128 -9.36 21.48 5.27
C LEU A 128 -8.29 22.46 5.78
N ARG A 129 -8.72 23.63 6.23
CA ARG A 129 -7.82 24.66 6.72
C ARG A 129 -6.91 24.08 7.80
N GLU A 130 -7.52 23.52 8.85
CA GLU A 130 -6.82 22.97 10.00
C GLU A 130 -6.00 21.75 9.59
N TYR A 131 -6.53 20.97 8.65
CA TYR A 131 -5.88 19.76 8.14
C TYR A 131 -4.56 20.13 7.48
N LEU A 132 -4.59 21.16 6.61
CA LEU A 132 -3.41 21.63 5.91
C LEU A 132 -2.44 22.28 6.89
N ARG A 133 -2.98 23.07 7.84
CA ARG A 133 -2.17 23.84 8.77
C ARG A 133 -1.39 22.93 9.71
N ALA A 134 -1.94 21.74 9.99
CA ALA A 134 -1.29 20.76 10.85
C ALA A 134 -0.21 20.02 10.08
N ARG A 135 -0.25 20.13 8.74
CA ARG A 135 0.68 19.44 7.87
C ARG A 135 1.72 20.40 7.29
N ARG A 136 1.73 21.64 7.80
CA ARG A 136 2.71 22.65 7.45
C ARG A 136 4.04 22.34 8.13
N PRO A 137 5.19 22.76 7.54
CA PRO A 137 6.50 22.56 8.17
C PRO A 137 6.59 23.21 9.55
N PRO A 138 7.28 22.58 10.52
CA PRO A 138 7.51 23.20 11.83
C PRO A 138 8.25 24.53 11.67
N GLY A 139 7.63 25.59 12.19
CA GLY A 139 8.24 26.91 12.20
C GLY A 139 7.38 27.94 11.47
N MET A 140 6.50 27.43 10.61
CA MET A 140 5.58 28.24 9.85
C MET A 140 4.43 28.63 10.77
N GLU A 141 3.75 29.74 10.44
CA GLU A 141 2.57 30.19 11.16
C GLU A 141 1.51 29.08 11.17
N TYR A 142 0.88 28.90 12.33
CA TYR A 142 -0.32 28.10 12.50
C TYR A 142 0.03 26.61 12.55
N SER A 143 1.32 26.29 12.37
CA SER A 143 1.77 24.91 12.42
C SER A 143 1.57 24.36 13.83
N TYR A 144 1.19 23.07 13.90
CA TYR A 144 0.92 22.37 15.15
C TYR A 144 0.85 20.87 14.89
N ASP A 145 1.31 20.10 15.87
CA ASP A 145 1.34 18.65 15.77
C ASP A 145 0.10 18.11 16.47
N ILE A 146 -0.86 17.58 15.70
CA ILE A 146 -2.06 16.98 16.27
C ILE A 146 -1.64 15.77 17.11
N ASN A 147 -2.13 15.70 18.36
CA ASN A 147 -1.82 14.64 19.30
C ASN A 147 -0.35 14.71 19.70
N ARG A 148 0.30 15.84 19.38
CA ARG A 148 1.69 16.11 19.72
C ARG A 148 2.62 15.26 18.84
N VAL A 149 2.03 14.63 17.82
CA VAL A 149 2.75 13.81 16.86
C VAL A 149 2.72 14.55 15.53
N PRO A 150 3.86 14.65 14.79
CA PRO A 150 3.87 15.32 13.50
C PRO A 150 3.14 14.55 12.41
N GLU A 151 2.27 15.28 11.69
CA GLU A 151 1.62 14.82 10.47
C GLU A 151 2.59 14.69 9.30
N GLU A 152 2.53 13.54 8.63
CA GLU A 152 3.24 13.29 7.38
C GLU A 152 2.94 14.39 6.37
N GLN A 153 3.99 14.83 5.67
CA GLN A 153 3.97 16.03 4.86
C GLN A 153 3.10 15.86 3.63
N MET A 154 2.42 16.97 3.27
CA MET A 154 1.65 17.10 2.05
C MET A 154 2.60 17.11 0.85
N THR A 155 2.43 16.11 -0.03
CA THR A 155 3.14 16.09 -1.29
C THR A 155 2.43 17.03 -2.26
N PHE A 156 3.01 17.18 -3.45
CA PHE A 156 2.41 17.98 -4.50
C PHE A 156 1.18 17.26 -5.03
N LYS A 157 1.30 15.94 -5.19
CA LYS A 157 0.22 15.10 -5.70
C LYS A 157 -1.00 15.21 -4.77
N ASP A 158 -0.75 15.25 -3.45
CA ASP A 158 -1.79 15.32 -2.44
C ASP A 158 -2.62 16.60 -2.62
N LEU A 159 -1.94 17.72 -2.88
CA LEU A 159 -2.59 19.01 -2.96
C LEU A 159 -3.40 19.12 -4.24
N VAL A 160 -2.90 18.50 -5.32
CA VAL A 160 -3.56 18.52 -6.61
C VAL A 160 -4.77 17.58 -6.56
N SER A 161 -4.61 16.47 -5.82
CA SER A 161 -5.67 15.49 -5.60
C SER A 161 -6.80 16.13 -4.78
N CYS A 162 -6.41 16.88 -3.74
CA CYS A 162 -7.31 17.69 -2.94
CA CYS A 162 -7.31 17.69 -2.94
C CYS A 162 -8.06 18.69 -3.82
N THR A 163 -7.33 19.33 -4.74
CA THR A 163 -7.89 20.36 -5.63
C THR A 163 -8.89 19.72 -6.58
N TYR A 164 -8.54 18.54 -7.10
CA TYR A 164 -9.32 17.84 -8.11
C TYR A 164 -10.65 17.39 -7.51
N GLN A 165 -10.59 16.79 -6.32
CA GLN A 165 -11.75 16.27 -5.61
C GLN A 165 -12.77 17.38 -5.40
N LEU A 166 -12.27 18.57 -5.01
CA LEU A 166 -13.10 19.72 -4.74
C LEU A 166 -13.67 20.29 -6.04
N ALA A 167 -12.93 20.13 -7.15
CA ALA A 167 -13.42 20.57 -8.44
C ALA A 167 -14.55 19.65 -8.90
N ARG A 168 -14.43 18.37 -8.57
CA ARG A 168 -15.42 17.36 -8.89
C ARG A 168 -16.70 17.64 -8.11
N GLY A 169 -16.55 17.95 -6.83
CA GLY A 169 -17.66 18.27 -5.95
C GLY A 169 -18.47 19.46 -6.48
N MET A 170 -17.76 20.52 -6.87
CA MET A 170 -18.39 21.74 -7.35
C MET A 170 -18.97 21.52 -8.74
N GLU A 171 -18.40 20.56 -9.49
CA GLU A 171 -18.92 20.24 -10.80
C GLU A 171 -20.29 19.60 -10.65
N TYR A 172 -20.41 18.71 -9.66
CA TYR A 172 -21.67 18.07 -9.32
C TYR A 172 -22.68 19.10 -8.81
N LEU A 173 -22.25 19.96 -7.87
CA LEU A 173 -23.11 20.99 -7.32
C LEU A 173 -23.69 21.85 -8.44
N ALA A 174 -22.80 22.33 -9.33
CA ALA A 174 -23.19 23.19 -10.44
C ALA A 174 -24.23 22.49 -11.31
N SER A 175 -24.09 21.17 -11.50
CA SER A 175 -24.97 20.41 -12.37
C SER A 175 -26.29 20.11 -11.67
N GLN A 176 -26.31 20.29 -10.34
CA GLN A 176 -27.55 20.24 -9.59
C GLN A 176 -28.14 21.65 -9.51
N LYS A 177 -27.63 22.56 -10.34
CA LYS A 177 -28.09 23.93 -10.41
C LYS A 177 -28.12 24.56 -9.02
N CYS A 178 -26.97 24.48 -8.33
CA CYS A 178 -26.86 24.96 -6.96
C CYS A 178 -25.61 25.85 -6.83
N ILE A 179 -25.75 26.94 -6.08
CA ILE A 179 -24.66 27.88 -5.84
C ILE A 179 -24.34 27.89 -4.34
N HIS A 180 -23.08 27.53 -4.01
CA HIS A 180 -22.62 27.40 -2.64
C HIS A 180 -22.59 28.76 -1.96
N ARG A 181 -21.83 29.71 -2.54
CA ARG A 181 -21.75 31.10 -2.13
C ARG A 181 -20.86 31.28 -0.90
N ASP A 182 -20.18 30.22 -0.45
CA ASP A 182 -19.23 30.33 0.65
C ASP A 182 -18.18 29.22 0.56
N LEU A 183 -17.62 29.02 -0.63
CA LEU A 183 -16.61 28.01 -0.84
C LEU A 183 -15.30 28.49 -0.20
N ALA A 184 -14.82 27.74 0.80
CA ALA A 184 -13.56 27.99 1.47
C ALA A 184 -13.06 26.69 2.10
N ALA A 185 -11.82 26.72 2.60
CA ALA A 185 -11.18 25.54 3.16
C ALA A 185 -11.73 25.27 4.55
N ARG A 186 -12.32 26.30 5.15
CA ARG A 186 -12.95 26.23 6.46
C ARG A 186 -14.28 25.48 6.35
N ASN A 187 -14.81 25.41 5.12
CA ASN A 187 -16.10 24.81 4.84
C ASN A 187 -15.93 23.52 4.04
N VAL A 188 -14.72 22.96 4.09
CA VAL A 188 -14.43 21.66 3.51
C VAL A 188 -14.06 20.71 4.64
N LEU A 189 -14.64 19.51 4.64
CA LEU A 189 -14.35 18.53 5.67
C LEU A 189 -13.53 17.40 5.06
N VAL A 190 -12.75 16.72 5.92
CA VAL A 190 -11.79 15.73 5.47
C VAL A 190 -11.97 14.46 6.31
N THR A 191 -12.17 13.33 5.62
CA THR A 191 -12.44 12.06 6.25
C THR A 191 -11.13 11.33 6.54
N GLU A 192 -11.25 10.16 7.19
CA GLU A 192 -10.12 9.38 7.68
C GLU A 192 -9.21 8.96 6.51
N ASN A 193 -9.81 8.76 5.33
CA ASN A 193 -9.11 8.29 4.16
C ASN A 193 -8.77 9.48 3.24
N ASN A 194 -8.81 10.69 3.82
CA ASN A 194 -8.35 11.91 3.18
C ASN A 194 -9.22 12.24 1.96
N VAL A 195 -10.53 11.99 2.09
CA VAL A 195 -11.48 12.35 1.04
C VAL A 195 -12.01 13.75 1.35
N MET A 196 -11.95 14.64 0.36
CA MET A 196 -12.44 16.00 0.51
C MET A 196 -13.97 15.98 0.42
N LYS A 197 -14.62 16.71 1.32
CA LYS A 197 -16.08 16.77 1.39
C LYS A 197 -16.56 18.21 1.60
N ILE A 198 -17.11 18.79 0.53
CA ILE A 198 -17.68 20.13 0.57
C ILE A 198 -18.84 20.15 1.55
N ALA A 199 -18.87 21.17 2.43
CA ALA A 199 -19.88 21.28 3.46
C ALA A 199 -20.31 22.73 3.65
N ASP A 200 -21.13 22.95 4.69
CA ASP A 200 -21.68 24.24 5.06
C ASP A 200 -22.49 24.82 3.91
N PHE A 201 -23.77 24.42 3.83
CA PHE A 201 -24.67 24.89 2.79
C PHE A 201 -25.56 25.99 3.34
N GLY A 202 -25.02 26.79 4.26
CA GLY A 202 -25.76 27.83 4.95
C GLY A 202 -26.33 28.87 3.99
N LEU A 203 -25.50 29.27 3.02
CA LEU A 203 -25.81 30.35 2.10
C LEU A 203 -26.08 29.78 0.71
N ALA A 204 -26.15 28.44 0.61
CA ALA A 204 -26.34 27.77 -0.67
C ALA A 204 -27.77 27.96 -1.16
N ARG A 205 -27.92 28.18 -2.47
CA ARG A 205 -29.22 28.45 -3.09
C ARG A 205 -29.36 27.60 -4.36
N VAL A 206 -30.62 27.26 -4.70
CA VAL A 206 -30.95 26.55 -5.93
C VAL A 206 -31.55 27.56 -6.91
N ILE A 207 -30.77 27.85 -7.95
CA ILE A 207 -31.10 28.88 -8.92
C ILE A 207 -31.58 28.23 -10.21
N ASN A 208 -31.83 29.08 -11.21
CA ASN A 208 -32.12 28.68 -12.57
C ASN A 208 -30.90 28.98 -13.44
N ASN A 209 -31.14 29.18 -14.75
CA ASN A 209 -30.07 29.39 -15.70
C ASN A 209 -29.57 30.84 -15.61
N ILE A 210 -30.48 31.78 -15.30
CA ILE A 210 -30.11 33.17 -15.15
C ILE A 210 -29.55 33.40 -13.76
N ASP A 211 -28.91 34.56 -13.56
CA ASP A 211 -28.14 34.89 -12.36
C ASP A 211 -29.07 35.11 -11.18
N TYR A 212 -28.58 34.76 -9.99
CA TYR A 212 -29.28 34.94 -8.73
C TYR A 212 -29.18 36.40 -8.27
N TYR A 213 -30.32 37.10 -8.34
CA TYR A 213 -30.40 38.48 -7.89
C TYR A 213 -31.61 38.67 -6.97
N LYS A 214 -31.42 39.48 -5.92
CA LYS A 214 -32.49 39.88 -5.02
C LYS A 214 -32.36 41.37 -4.73
N LYS A 215 -33.52 42.05 -4.70
CA LYS A 215 -33.57 43.49 -4.49
C LYS A 215 -33.15 43.83 -3.06
N THR A 216 -33.39 42.89 -2.13
CA THR A 216 -33.07 43.06 -0.72
C THR A 216 -31.70 42.45 -0.44
N THR A 217 -30.68 43.33 -0.34
CA THR A 217 -29.30 42.90 -0.15
C THR A 217 -29.05 42.56 1.32
N ASN A 218 -28.39 41.41 1.51
CA ASN A 218 -27.69 41.07 2.74
C ASN A 218 -26.23 40.78 2.37
N GLY A 219 -25.30 41.26 3.20
CA GLY A 219 -23.88 41.01 2.99
C GLY A 219 -23.33 39.98 4.00
N ARG A 220 -23.73 38.72 3.83
CA ARG A 220 -23.35 37.64 4.73
C ARG A 220 -22.26 36.80 4.10
N LEU A 221 -21.75 37.23 2.94
CA LEU A 221 -20.71 36.47 2.23
C LEU A 221 -19.34 36.98 2.67
N PRO A 222 -18.35 36.08 2.89
CA PRO A 222 -16.99 36.50 3.24
C PRO A 222 -16.34 37.22 2.06
N VAL A 223 -15.77 38.39 2.32
CA VAL A 223 -15.34 39.32 1.28
C VAL A 223 -14.25 38.69 0.42
N LYS A 224 -13.28 38.05 1.08
CA LYS A 224 -12.03 37.63 0.46
C LYS A 224 -12.22 36.37 -0.40
N TRP A 225 -13.46 35.90 -0.51
CA TRP A 225 -13.77 34.72 -1.30
C TRP A 225 -14.82 35.05 -2.36
N MET A 226 -15.26 36.31 -2.36
CA MET A 226 -16.37 36.73 -3.20
C MET A 226 -15.85 37.28 -4.52
N ALA A 227 -16.49 36.83 -5.61
CA ALA A 227 -16.28 37.38 -6.94
C ALA A 227 -16.74 38.84 -6.96
N PRO A 228 -16.14 39.71 -7.81
CA PRO A 228 -16.45 41.13 -7.81
C PRO A 228 -17.91 41.43 -8.10
N GLU A 229 -18.52 40.65 -9.01
CA GLU A 229 -19.90 40.84 -9.40
C GLU A 229 -20.82 40.50 -8.21
N ALA A 230 -20.36 39.59 -7.35
CA ALA A 230 -21.05 39.25 -6.13
C ALA A 230 -21.04 40.46 -5.18
N LEU A 231 -19.91 41.17 -5.14
CA LEU A 231 -19.71 42.26 -4.20
C LEU A 231 -20.31 43.56 -4.70
N PHE A 232 -20.18 43.82 -6.02
CA PHE A 232 -20.48 45.14 -6.57
C PHE A 232 -21.87 45.14 -7.21
N ASP A 233 -22.25 44.03 -7.86
CA ASP A 233 -23.49 43.95 -8.61
C ASP A 233 -24.56 43.23 -7.80
N ARG A 234 -24.15 42.51 -6.76
CA ARG A 234 -25.03 41.68 -5.94
C ARG A 234 -25.75 40.65 -6.82
N VAL A 235 -24.97 39.95 -7.65
CA VAL A 235 -25.46 38.86 -8.49
C VAL A 235 -24.55 37.65 -8.27
N TYR A 236 -25.10 36.45 -8.42
CA TYR A 236 -24.33 35.24 -8.21
C TYR A 236 -24.66 34.22 -9.29
N THR A 237 -23.62 33.61 -9.87
CA THR A 237 -23.72 32.54 -10.84
C THR A 237 -22.81 31.40 -10.41
N HIS A 238 -22.73 30.34 -11.24
CA HIS A 238 -21.77 29.27 -10.99
C HIS A 238 -20.35 29.77 -11.22
N GLN A 239 -20.21 30.86 -11.97
CA GLN A 239 -18.92 31.43 -12.33
C GLN A 239 -18.37 32.23 -11.15
N SER A 240 -19.24 32.54 -10.17
CA SER A 240 -18.82 33.22 -8.96
C SER A 240 -18.20 32.21 -8.00
N ASP A 241 -18.70 30.97 -8.06
CA ASP A 241 -18.22 29.88 -7.21
C ASP A 241 -16.86 29.42 -7.73
N VAL A 242 -16.61 29.68 -9.01
CA VAL A 242 -15.33 29.41 -9.65
C VAL A 242 -14.30 30.38 -9.04
N TRP A 243 -14.68 31.66 -8.94
CA TRP A 243 -13.83 32.66 -8.33
C TRP A 243 -13.38 32.21 -6.95
N SER A 244 -14.34 31.70 -6.18
CA SER A 244 -14.08 31.25 -4.82
C SER A 244 -13.19 30.00 -4.86
N PHE A 245 -13.32 29.20 -5.93
CA PHE A 245 -12.51 27.99 -6.06
C PHE A 245 -11.05 28.39 -6.25
N GLY A 246 -10.82 29.48 -6.97
CA GLY A 246 -9.50 30.05 -7.17
C GLY A 246 -8.86 30.43 -5.85
N VAL A 247 -9.67 31.01 -4.95
CA VAL A 247 -9.25 31.37 -3.60
C VAL A 247 -8.99 30.09 -2.80
N LEU A 248 -9.78 29.05 -3.07
CA LEU A 248 -9.64 27.79 -2.35
C LEU A 248 -8.34 27.12 -2.76
N MET A 249 -8.03 27.17 -4.07
CA MET A 249 -6.77 26.71 -4.63
C MET A 249 -5.62 27.39 -3.90
N TRP A 250 -5.71 28.72 -3.76
CA TRP A 250 -4.68 29.51 -3.11
C TRP A 250 -4.48 29.04 -1.67
N GLU A 251 -5.60 28.80 -0.97
CA GLU A 251 -5.57 28.31 0.40
C GLU A 251 -4.86 26.94 0.45
N ILE A 252 -5.23 26.04 -0.47
CA ILE A 252 -4.67 24.70 -0.51
C ILE A 252 -3.15 24.77 -0.64
N PHE A 253 -2.67 25.54 -1.63
CA PHE A 253 -1.27 25.54 -2.02
C PHE A 253 -0.41 26.39 -1.10
N THR A 254 -1.05 27.16 -0.21
CA THR A 254 -0.35 27.87 0.86
C THR A 254 -0.48 27.10 2.17
N LEU A 255 -1.05 25.89 2.10
CA LEU A 255 -1.28 25.03 3.25
C LEU A 255 -2.12 25.74 4.30
N GLY A 256 -3.24 26.33 3.86
CA GLY A 256 -4.22 26.92 4.75
C GLY A 256 -3.89 28.36 5.12
N GLY A 257 -3.25 29.07 4.19
CA GLY A 257 -2.85 30.45 4.38
C GLY A 257 -4.03 31.39 4.22
N SER A 258 -3.94 32.56 4.87
CA SER A 258 -4.98 33.56 4.86
C SER A 258 -4.89 34.40 3.58
N PRO A 259 -5.93 34.38 2.71
CA PRO A 259 -5.88 35.08 1.42
C PRO A 259 -5.71 36.59 1.58
N TYR A 260 -5.06 37.21 0.59
CA TYR A 260 -4.70 38.62 0.63
C TYR A 260 -3.92 38.92 1.92
N PRO A 261 -2.74 38.29 2.12
CA PRO A 261 -1.99 38.42 3.37
C PRO A 261 -1.54 39.84 3.65
N GLY A 262 -1.88 40.34 4.86
CA GLY A 262 -1.48 41.66 5.31
C GLY A 262 -2.46 42.74 4.88
N ILE A 263 -3.40 42.37 4.00
CA ILE A 263 -4.41 43.29 3.50
C ILE A 263 -5.67 43.12 4.33
N PRO A 264 -6.14 44.17 5.05
CA PRO A 264 -7.42 44.10 5.76
C PRO A 264 -8.59 44.09 4.79
N VAL A 265 -9.69 43.45 5.21
CA VAL A 265 -10.90 43.25 4.42
C VAL A 265 -11.37 44.60 3.85
N GLU A 266 -11.18 45.67 4.63
CA GLU A 266 -11.73 46.98 4.35
C GLU A 266 -11.09 47.57 3.09
N GLU A 267 -9.82 47.24 2.84
CA GLU A 267 -9.06 47.85 1.76
C GLU A 267 -9.17 47.03 0.48
N LEU A 268 -9.81 45.85 0.57
CA LEU A 268 -9.89 44.93 -0.56
C LEU A 268 -11.02 45.34 -1.51
N PHE A 269 -11.97 46.13 -1.03
CA PHE A 269 -13.02 46.68 -1.87
C PHE A 269 -12.40 47.49 -3.00
N LYS A 270 -11.44 48.35 -2.63
CA LYS A 270 -10.76 49.28 -3.52
C LYS A 270 -9.81 48.54 -4.47
N LEU A 271 -9.12 47.53 -3.93
CA LEU A 271 -8.03 46.85 -4.62
C LEU A 271 -8.56 45.96 -5.75
N LEU A 272 -9.74 45.36 -5.55
CA LEU A 272 -10.32 44.48 -6.55
C LEU A 272 -10.73 45.29 -7.78
N LYS A 273 -11.18 46.53 -7.55
CA LYS A 273 -11.56 47.43 -8.62
C LYS A 273 -10.32 47.89 -9.39
N GLU A 274 -9.20 48.04 -8.66
CA GLU A 274 -7.94 48.46 -9.24
C GLU A 274 -7.31 47.27 -9.99
N GLY A 275 -7.72 46.06 -9.63
CA GLY A 275 -7.35 44.87 -10.38
C GLY A 275 -6.36 43.97 -9.62
N HIS A 276 -6.30 44.14 -8.30
CA HIS A 276 -5.39 43.37 -7.45
C HIS A 276 -5.72 41.89 -7.52
N ARG A 277 -4.66 41.06 -7.57
CA ARG A 277 -4.78 39.62 -7.43
C ARG A 277 -3.65 39.13 -6.52
N MET A 278 -3.80 37.91 -6.00
CA MET A 278 -2.85 37.34 -5.06
C MET A 278 -1.64 36.81 -5.83
N ASP A 279 -0.47 36.91 -5.20
CA ASP A 279 0.78 36.42 -5.78
C ASP A 279 0.74 34.89 -5.80
N LYS A 280 1.63 34.29 -6.59
CA LYS A 280 1.69 32.85 -6.77
C LYS A 280 2.19 32.18 -5.49
N PRO A 281 1.45 31.19 -4.94
CA PRO A 281 1.96 30.34 -3.87
C PRO A 281 3.21 29.59 -4.33
N ALA A 282 4.17 29.42 -3.43
CA ALA A 282 5.46 28.85 -3.78
C ALA A 282 5.38 27.34 -3.91
N ASN A 283 4.27 26.74 -3.47
CA ASN A 283 4.07 25.30 -3.57
C ASN A 283 3.37 24.97 -4.89
N CYS A 284 3.02 26.03 -5.62
CA CYS A 284 2.17 25.95 -6.79
C CYS A 284 3.04 25.99 -8.06
N THR A 285 2.60 25.31 -9.12
CA THR A 285 3.25 25.41 -10.41
C THR A 285 2.64 26.59 -11.16
N ASN A 286 3.32 27.01 -12.25
CA ASN A 286 2.87 28.08 -13.11
C ASN A 286 1.51 27.71 -13.70
N GLU A 287 1.40 26.46 -14.16
CA GLU A 287 0.21 25.93 -14.80
C GLU A 287 -1.01 26.12 -13.88
N LEU A 288 -0.85 25.74 -12.61
CA LEU A 288 -1.92 25.75 -11.63
C LEU A 288 -2.25 27.18 -11.20
N TYR A 289 -1.22 28.03 -11.08
CA TYR A 289 -1.44 29.43 -10.74
C TYR A 289 -2.13 30.16 -11.89
N MET A 290 -1.89 29.71 -13.13
CA MET A 290 -2.58 30.24 -14.29
C MET A 290 -4.06 29.90 -14.19
N MET A 291 -4.35 28.65 -13.83
CA MET A 291 -5.70 28.18 -13.57
C MET A 291 -6.37 29.05 -12.51
N MET A 292 -5.59 29.38 -11.47
CA MET A 292 -6.02 30.28 -10.40
C MET A 292 -6.40 31.64 -10.97
N ARG A 293 -5.50 32.20 -11.80
CA ARG A 293 -5.61 33.54 -12.34
C ARG A 293 -6.76 33.63 -13.34
N ASP A 294 -7.04 32.51 -14.02
CA ASP A 294 -8.18 32.40 -14.92
C ASP A 294 -9.46 32.43 -14.09
N CYS A 295 -9.45 31.71 -12.96
CA CYS A 295 -10.57 31.67 -12.04
C CYS A 295 -10.85 33.06 -11.47
N TRP A 296 -9.83 33.95 -11.53
CA TRP A 296 -9.96 35.29 -10.96
C TRP A 296 -10.18 36.34 -12.04
N HIS A 297 -10.74 35.93 -13.18
CA HIS A 297 -11.03 36.86 -14.25
C HIS A 297 -12.21 37.76 -13.85
N ALA A 298 -12.08 39.06 -14.10
CA ALA A 298 -13.06 40.05 -13.69
C ALA A 298 -14.41 39.79 -14.37
N VAL A 299 -14.36 39.34 -15.63
CA VAL A 299 -15.55 39.03 -16.40
C VAL A 299 -15.92 37.56 -16.19
N PRO A 300 -17.09 37.26 -15.57
CA PRO A 300 -17.41 35.90 -15.12
C PRO A 300 -17.38 34.82 -16.22
N SER A 301 -17.82 35.18 -17.43
CA SER A 301 -17.93 34.22 -18.52
C SER A 301 -16.56 33.96 -19.15
N GLN A 302 -15.52 34.65 -18.64
CA GLN A 302 -14.15 34.44 -19.08
C GLN A 302 -13.44 33.43 -18.18
N ARG A 303 -14.04 33.17 -17.00
CA ARG A 303 -13.54 32.15 -16.09
C ARG A 303 -13.88 30.77 -16.67
N PRO A 304 -13.09 29.72 -16.37
CA PRO A 304 -13.45 28.36 -16.77
C PRO A 304 -14.69 27.86 -16.01
N THR A 305 -15.31 26.81 -16.53
CA THR A 305 -16.36 26.10 -15.81
C THR A 305 -15.69 25.01 -14.96
N PHE A 306 -16.46 24.44 -14.03
CA PHE A 306 -15.97 23.39 -13.16
C PHE A 306 -15.66 22.13 -13.97
N LYS A 307 -16.47 21.87 -15.00
CA LYS A 307 -16.26 20.77 -15.91
C LYS A 307 -14.89 20.91 -16.57
N GLN A 308 -14.56 22.14 -16.99
CA GLN A 308 -13.29 22.45 -17.61
C GLN A 308 -12.17 22.28 -16.59
N LEU A 309 -12.38 22.84 -15.39
CA LEU A 309 -11.42 22.77 -14.30
C LEU A 309 -11.11 21.30 -13.97
N VAL A 310 -12.12 20.43 -14.02
CA VAL A 310 -11.95 19.03 -13.70
C VAL A 310 -11.02 18.38 -14.73
N GLU A 311 -11.28 18.66 -16.02
CA GLU A 311 -10.57 18.04 -17.12
C GLU A 311 -9.08 18.39 -17.06
N ASP A 312 -8.77 19.63 -16.70
CA ASP A 312 -7.40 20.11 -16.62
C ASP A 312 -6.69 19.47 -15.42
N LEU A 313 -7.36 19.50 -14.27
CA LEU A 313 -6.82 18.94 -13.03
C LEU A 313 -6.61 17.43 -13.17
N ASP A 314 -7.47 16.78 -13.96
CA ASP A 314 -7.32 15.36 -14.29
C ASP A 314 -5.95 15.14 -14.94
N ARG A 315 -5.67 15.91 -16.00
CA ARG A 315 -4.50 15.73 -16.84
C ARG A 315 -3.23 16.04 -16.04
N ILE A 316 -3.28 17.11 -15.24
CA ILE A 316 -2.15 17.51 -14.42
C ILE A 316 -1.82 16.40 -13.43
N LEU A 317 -2.86 15.89 -12.75
CA LEU A 317 -2.72 14.85 -11.74
C LEU A 317 -2.16 13.57 -12.36
N THR A 318 -2.52 13.30 -13.62
CA THR A 318 -2.12 12.10 -14.34
C THR A 318 -0.62 12.13 -14.61
N LEU A 319 -0.06 13.33 -14.82
CA LEU A 319 1.34 13.48 -15.17
C LEU A 319 2.24 13.36 -13.94
N THR A 320 1.67 13.61 -12.74
CA THR A 320 2.40 13.45 -11.49
C THR A 320 2.60 11.96 -11.21
N GLU B 23 28.58 -10.63 -26.93
CA GLU B 23 27.13 -10.96 -26.98
C GLU B 23 26.46 -10.56 -25.67
N LEU B 24 27.26 -10.25 -24.65
CA LEU B 24 26.72 -9.95 -23.33
C LEU B 24 27.08 -8.51 -22.96
N PRO B 25 26.09 -7.62 -22.74
CA PRO B 25 26.37 -6.24 -22.32
C PRO B 25 26.97 -6.19 -20.93
N GLU B 26 28.00 -5.33 -20.79
CA GLU B 26 28.78 -5.20 -19.56
C GLU B 26 27.93 -4.56 -18.47
N ASP B 27 28.03 -5.11 -17.26
CA ASP B 27 27.43 -4.51 -16.08
C ASP B 27 28.55 -4.23 -15.09
N PRO B 28 29.07 -2.98 -15.03
CA PRO B 28 30.31 -2.68 -14.31
C PRO B 28 30.25 -2.95 -12.80
N LYS B 29 29.03 -2.86 -12.24
CA LYS B 29 28.83 -2.96 -10.80
C LYS B 29 28.87 -4.42 -10.36
N TRP B 30 28.71 -5.35 -11.32
CA TRP B 30 28.65 -6.77 -11.00
C TRP B 30 29.87 -7.52 -11.56
N GLU B 31 30.48 -6.95 -12.61
CA GLU B 31 31.60 -7.59 -13.29
C GLU B 31 32.71 -7.90 -12.30
N PHE B 32 33.38 -9.04 -12.50
CA PHE B 32 34.54 -9.42 -11.73
C PHE B 32 35.66 -9.90 -12.65
N PRO B 33 36.90 -9.38 -12.50
CA PRO B 33 38.01 -9.73 -13.39
C PRO B 33 38.41 -11.21 -13.30
N ARG B 34 38.65 -11.81 -14.47
CA ARG B 34 38.91 -13.24 -14.61
C ARG B 34 40.24 -13.61 -13.96
N ASP B 35 41.22 -12.69 -14.03
CA ASP B 35 42.57 -12.91 -13.55
C ASP B 35 42.58 -13.07 -12.03
N LYS B 36 41.45 -12.79 -11.38
CA LYS B 36 41.34 -12.77 -9.94
C LYS B 36 40.66 -14.06 -9.45
N LEU B 37 40.14 -14.85 -10.39
CA LEU B 37 39.30 -16.00 -10.10
C LEU B 37 40.00 -17.29 -10.54
N THR B 38 40.18 -18.22 -9.60
CA THR B 38 40.83 -19.50 -9.87
C THR B 38 39.86 -20.63 -9.55
N LEU B 39 39.57 -21.44 -10.58
CA LEU B 39 38.64 -22.56 -10.47
C LEU B 39 39.33 -23.73 -9.76
N GLY B 40 38.53 -24.47 -8.97
CA GLY B 40 38.98 -25.66 -8.28
C GLY B 40 38.20 -26.90 -8.71
N LYS B 41 37.68 -27.63 -7.72
CA LYS B 41 37.06 -28.94 -7.93
C LYS B 41 35.57 -28.77 -8.24
N PRO B 42 34.97 -29.65 -9.08
CA PRO B 42 33.53 -29.68 -9.27
C PRO B 42 32.80 -30.03 -7.98
N LEU B 43 31.60 -29.47 -7.81
CA LEU B 43 30.92 -29.51 -6.51
C LEU B 43 29.75 -30.50 -6.52
N GLY B 44 29.45 -31.12 -7.66
CA GLY B 44 28.45 -32.18 -7.67
C GLY B 44 27.71 -32.36 -8.99
N GLU B 45 26.96 -31.32 -9.39
CA GLU B 45 26.12 -31.32 -10.58
C GLU B 45 24.86 -32.14 -10.34
N GLY B 46 23.75 -31.71 -10.96
CA GLY B 46 22.49 -32.43 -10.92
C GLY B 46 21.35 -31.56 -10.42
N CYS B 47 21.64 -30.70 -9.44
CA CYS B 47 20.65 -29.89 -8.76
C CYS B 47 20.74 -28.42 -9.17
N PHE B 48 21.95 -27.97 -9.51
CA PHE B 48 22.18 -26.55 -9.75
C PHE B 48 22.99 -26.33 -11.02
N GLY B 49 23.00 -27.35 -11.90
CA GLY B 49 23.82 -27.31 -13.10
C GLY B 49 25.29 -27.59 -12.77
N GLN B 50 26.19 -27.26 -13.70
CA GLN B 50 27.61 -27.45 -13.49
C GLN B 50 28.15 -26.33 -12.61
N VAL B 51 28.54 -26.71 -11.37
CA VAL B 51 29.08 -25.75 -10.41
C VAL B 51 30.45 -26.23 -9.94
N VAL B 52 31.38 -25.28 -9.78
CA VAL B 52 32.74 -25.59 -9.34
C VAL B 52 33.12 -24.68 -8.18
N MET B 53 34.02 -25.17 -7.32
CA MET B 53 34.64 -24.36 -6.28
C MET B 53 35.68 -23.44 -6.94
N ALA B 54 35.90 -22.27 -6.32
CA ALA B 54 36.84 -21.30 -6.83
C ALA B 54 37.28 -20.34 -5.73
N GLU B 55 38.38 -19.63 -6.00
CA GLU B 55 38.89 -18.57 -5.14
C GLU B 55 38.87 -17.26 -5.94
N ALA B 56 38.36 -16.20 -5.30
CA ALA B 56 38.20 -14.91 -5.95
C ALA B 56 38.78 -13.82 -5.05
N VAL B 57 39.88 -13.21 -5.50
CA VAL B 57 40.58 -12.21 -4.72
C VAL B 57 39.90 -10.85 -4.88
N GLY B 58 39.39 -10.33 -3.76
CA GLY B 58 38.85 -8.99 -3.69
C GLY B 58 37.36 -8.92 -4.03
N ILE B 59 36.69 -10.07 -4.10
CA ILE B 59 35.26 -10.08 -4.38
C ILE B 59 34.50 -9.62 -3.12
N PRO B 64 39.03 -6.76 1.10
CA PRO B 64 39.28 -6.55 -0.34
C PRO B 64 40.67 -7.00 -0.79
N LYS B 65 41.39 -7.71 0.09
CA LYS B 65 42.72 -8.21 -0.23
C LYS B 65 42.72 -9.72 -0.08
N GLU B 66 41.71 -10.24 0.61
CA GLU B 66 41.60 -11.64 0.98
C GLU B 66 41.09 -12.46 -0.20
N ALA B 67 41.52 -13.71 -0.26
CA ALA B 67 41.10 -14.65 -1.29
C ALA B 67 39.96 -15.50 -0.74
N VAL B 68 38.73 -15.15 -1.13
CA VAL B 68 37.53 -15.76 -0.58
C VAL B 68 37.13 -16.96 -1.43
N THR B 69 36.63 -18.01 -0.76
CA THR B 69 36.11 -19.21 -1.39
C THR B 69 34.68 -18.93 -1.87
N VAL B 70 34.41 -19.30 -3.13
CA VAL B 70 33.13 -19.04 -3.77
C VAL B 70 32.75 -20.26 -4.59
N ALA B 71 31.58 -20.18 -5.24
CA ALA B 71 31.16 -21.19 -6.19
C ALA B 71 30.88 -20.51 -7.53
N VAL B 72 31.17 -21.24 -8.62
CA VAL B 72 30.98 -20.70 -9.95
C VAL B 72 30.08 -21.65 -10.73
N LYS B 73 29.00 -21.09 -11.28
CA LYS B 73 28.18 -21.82 -12.23
C LYS B 73 28.60 -21.41 -13.64
N MET B 74 28.69 -22.41 -14.52
CA MET B 74 29.22 -22.23 -15.87
C MET B 74 28.57 -23.27 -16.77
N LEU B 75 28.58 -23.01 -18.08
CA LEU B 75 28.04 -23.95 -19.04
C LEU B 75 28.99 -25.14 -19.17
N LYS B 76 28.43 -26.30 -19.49
CA LYS B 76 29.21 -27.51 -19.72
C LYS B 76 29.63 -27.53 -21.19
N ASP B 77 30.48 -28.49 -21.54
CA ASP B 77 30.92 -28.66 -22.91
C ASP B 77 29.74 -29.06 -23.79
N ASP B 78 28.73 -29.69 -23.17
CA ASP B 78 27.58 -30.20 -23.90
C ASP B 78 26.40 -29.23 -23.78
N ALA B 79 26.68 -27.98 -23.38
CA ALA B 79 25.66 -26.98 -23.14
C ALA B 79 24.78 -26.76 -24.37
N THR B 80 23.50 -26.50 -24.13
CA THR B 80 22.54 -26.21 -25.18
C THR B 80 22.35 -24.69 -25.27
N GLU B 81 21.63 -24.24 -26.29
CA GLU B 81 21.36 -22.82 -26.48
C GLU B 81 20.55 -22.29 -25.30
N LYS B 82 19.61 -23.10 -24.81
CA LYS B 82 18.71 -22.74 -23.73
C LYS B 82 19.48 -22.63 -22.40
N ASP B 83 20.54 -23.44 -22.26
CA ASP B 83 21.38 -23.41 -21.08
C ASP B 83 21.99 -22.01 -20.90
N LEU B 84 22.44 -21.43 -22.01
CA LEU B 84 23.06 -20.11 -22.04
C LEU B 84 22.06 -19.07 -21.53
N SER B 85 20.87 -19.04 -22.16
CA SER B 85 19.84 -18.06 -21.82
C SER B 85 19.34 -18.25 -20.39
N ASP B 86 19.31 -19.50 -19.92
CA ASP B 86 18.86 -19.82 -18.56
C ASP B 86 19.87 -19.29 -17.54
N LEU B 87 21.16 -19.46 -17.84
CA LEU B 87 22.22 -19.01 -16.94
C LEU B 87 22.20 -17.49 -16.84
N VAL B 88 21.92 -16.81 -17.97
CA VAL B 88 21.81 -15.36 -18.01
C VAL B 88 20.61 -14.93 -17.16
N SER B 89 19.47 -15.60 -17.36
CA SER B 89 18.23 -15.29 -16.69
C SER B 89 18.34 -15.49 -15.17
N GLU B 90 19.08 -16.52 -14.75
CA GLU B 90 19.25 -16.80 -13.33
C GLU B 90 20.08 -15.69 -12.70
N MET B 91 21.10 -15.23 -13.44
CA MET B 91 21.97 -14.15 -13.02
C MET B 91 21.17 -12.87 -12.82
N GLU B 92 20.37 -12.48 -13.83
CA GLU B 92 19.59 -11.26 -13.80
C GLU B 92 18.50 -11.36 -12.72
N MET B 93 17.97 -12.58 -12.53
CA MET B 93 16.98 -12.85 -11.49
C MET B 93 17.62 -12.62 -10.13
N MET B 94 18.87 -13.10 -9.97
CA MET B 94 19.62 -12.94 -8.74
C MET B 94 19.91 -11.47 -8.49
N LYS B 95 20.19 -10.74 -9.57
CA LYS B 95 20.51 -9.31 -9.50
C LYS B 95 19.30 -8.54 -8.94
N MET B 96 18.10 -8.91 -9.40
CA MET B 96 16.90 -8.13 -9.13
C MET B 96 16.28 -8.53 -7.78
N ILE B 97 16.60 -9.74 -7.30
CA ILE B 97 16.03 -10.25 -6.06
C ILE B 97 16.59 -9.50 -4.85
N GLY B 98 17.90 -9.23 -4.88
CA GLY B 98 18.56 -8.56 -3.77
C GLY B 98 19.09 -9.54 -2.72
N LYS B 99 19.73 -8.98 -1.69
CA LYS B 99 20.48 -9.74 -0.70
C LYS B 99 19.59 -10.07 0.51
N HIS B 100 19.65 -11.34 0.93
CA HIS B 100 18.99 -11.81 2.13
C HIS B 100 19.76 -12.99 2.70
N LYS B 101 19.66 -13.17 4.03
CA LYS B 101 20.45 -14.13 4.78
C LYS B 101 20.08 -15.56 4.39
N ASN B 102 18.87 -15.77 3.86
CA ASN B 102 18.40 -17.12 3.59
C ASN B 102 18.18 -17.32 2.09
N ILE B 103 18.82 -16.43 1.31
CA ILE B 103 18.83 -16.51 -0.14
C ILE B 103 20.29 -16.52 -0.58
N ILE B 104 20.64 -17.41 -1.51
CA ILE B 104 21.99 -17.53 -2.01
C ILE B 104 22.37 -16.25 -2.77
N ASP B 105 23.51 -15.66 -2.38
CA ASP B 105 23.89 -14.34 -2.85
C ASP B 105 24.66 -14.42 -4.16
N LEU B 106 24.39 -13.46 -5.05
CA LEU B 106 25.24 -13.20 -6.21
C LEU B 106 26.41 -12.33 -5.76
N LEU B 107 27.62 -12.82 -5.99
CA LEU B 107 28.81 -12.08 -5.60
C LEU B 107 29.35 -11.30 -6.79
N GLY B 108 29.39 -11.95 -7.96
CA GLY B 108 29.84 -11.31 -9.18
C GLY B 108 29.63 -12.19 -10.41
N ALA B 109 30.25 -11.77 -11.53
CA ALA B 109 30.11 -12.47 -12.79
C ALA B 109 31.25 -12.11 -13.74
N CYS B 110 31.57 -13.04 -14.65
CA CYS B 110 32.50 -12.82 -15.75
C CYS B 110 31.73 -12.96 -17.06
N THR B 111 31.57 -11.85 -17.79
CA THR B 111 30.65 -11.81 -18.93
C THR B 111 31.34 -11.40 -20.23
N GLN B 112 32.63 -11.05 -20.16
CA GLN B 112 33.33 -10.60 -21.36
C GLN B 112 34.57 -11.47 -21.61
N ASP B 113 34.97 -11.53 -22.88
CA ASP B 113 36.18 -12.20 -23.35
C ASP B 113 36.38 -13.54 -22.64
N GLY B 114 35.48 -14.49 -22.92
CA GLY B 114 35.63 -15.83 -22.38
C GLY B 114 34.31 -16.41 -21.89
N PRO B 115 34.33 -17.64 -21.30
CA PRO B 115 33.10 -18.31 -20.87
C PRO B 115 32.38 -17.55 -19.77
N LEU B 116 31.05 -17.69 -19.74
CA LEU B 116 30.20 -17.00 -18.79
C LEU B 116 30.33 -17.67 -17.43
N TYR B 117 30.82 -16.90 -16.45
CA TYR B 117 30.92 -17.36 -15.08
C TYR B 117 30.00 -16.51 -14.19
N VAL B 118 29.10 -17.18 -13.48
CA VAL B 118 28.28 -16.56 -12.45
C VAL B 118 28.83 -16.99 -11.10
N ILE B 119 29.26 -16.02 -10.28
CA ILE B 119 29.90 -16.30 -9.00
C ILE B 119 28.87 -16.10 -7.89
N VAL B 120 28.78 -17.12 -7.02
CA VAL B 120 27.79 -17.15 -5.95
C VAL B 120 28.47 -17.52 -4.64
N GLU B 121 27.74 -17.30 -3.54
CA GLU B 121 28.14 -17.67 -2.19
C GLU B 121 28.45 -19.16 -2.14
N TYR B 122 29.50 -19.52 -1.38
CA TYR B 122 29.85 -20.91 -1.18
C TYR B 122 29.08 -21.47 0.02
N ALA B 123 28.56 -22.70 -0.14
CA ALA B 123 27.83 -23.41 0.90
C ALA B 123 28.46 -24.79 1.09
N SER B 124 29.29 -24.92 2.14
CA SER B 124 30.22 -26.03 2.28
C SER B 124 29.50 -27.35 2.56
N LYS B 125 28.26 -27.29 3.07
CA LYS B 125 27.57 -28.48 3.56
C LYS B 125 26.54 -28.98 2.56
N GLY B 126 26.56 -28.43 1.34
CA GLY B 126 25.77 -28.96 0.23
C GLY B 126 24.30 -28.57 0.31
N ASN B 127 23.44 -29.37 -0.34
CA ASN B 127 22.01 -29.10 -0.36
C ASN B 127 21.36 -29.69 0.91
N LEU B 128 20.13 -29.24 1.18
CA LEU B 128 19.43 -29.58 2.41
C LEU B 128 19.11 -31.07 2.47
N ARG B 129 18.70 -31.64 1.34
CA ARG B 129 18.33 -33.04 1.26
C ARG B 129 19.46 -33.91 1.80
N GLU B 130 20.66 -33.74 1.21
CA GLU B 130 21.84 -34.52 1.54
C GLU B 130 22.30 -34.21 2.96
N TYR B 131 22.12 -32.95 3.38
CA TYR B 131 22.52 -32.49 4.70
C TYR B 131 21.70 -33.22 5.77
N LEU B 132 20.39 -33.30 5.56
CA LEU B 132 19.48 -33.98 6.46
C LEU B 132 19.72 -35.49 6.43
N ARG B 133 19.94 -36.02 5.22
CA ARG B 133 20.07 -37.46 5.02
C ARG B 133 21.33 -37.99 5.69
N ALA B 134 22.36 -37.14 5.79
CA ALA B 134 23.62 -37.51 6.43
C ALA B 134 23.48 -37.45 7.95
N ARG B 135 22.42 -36.77 8.42
CA ARG B 135 22.19 -36.57 9.84
C ARG B 135 21.04 -37.46 10.34
N ARG B 136 20.60 -38.39 9.48
CA ARG B 136 19.63 -39.42 9.83
C ARG B 136 20.31 -40.48 10.71
N PRO B 137 19.55 -41.17 11.60
CA PRO B 137 20.11 -42.25 12.41
C PRO B 137 20.70 -43.37 11.55
N PRO B 138 21.83 -43.99 11.97
CA PRO B 138 22.39 -45.15 11.26
C PRO B 138 21.37 -46.28 11.17
N GLY B 139 21.06 -46.69 9.94
CA GLY B 139 20.17 -47.81 9.71
C GLY B 139 18.95 -47.40 8.88
N MET B 140 18.68 -46.09 8.85
CA MET B 140 17.61 -45.51 8.07
C MET B 140 18.07 -45.45 6.62
N GLU B 141 17.10 -45.43 5.69
CA GLU B 141 17.38 -45.26 4.27
C GLU B 141 18.18 -43.97 4.05
N TYR B 142 19.19 -44.05 3.17
CA TYR B 142 19.89 -42.90 2.62
C TYR B 142 20.92 -42.37 3.63
N SER B 143 20.95 -42.97 4.84
CA SER B 143 21.90 -42.58 5.86
C SER B 143 23.32 -42.89 5.40
N TYR B 144 24.25 -41.99 5.75
CA TYR B 144 25.65 -42.08 5.36
C TYR B 144 26.47 -41.08 6.18
N ASP B 145 27.76 -41.39 6.38
CA ASP B 145 28.68 -40.45 7.01
C ASP B 145 29.34 -39.59 5.92
N ILE B 146 28.99 -38.30 5.90
CA ILE B 146 29.42 -37.36 4.88
C ILE B 146 30.94 -37.32 4.83
N ASN B 147 31.47 -37.44 3.60
CA ASN B 147 32.89 -37.57 3.31
C ASN B 147 33.75 -37.52 4.57
N ARG B 148 33.70 -38.64 5.31
CA ARG B 148 34.69 -38.99 6.32
C ARG B 148 34.35 -38.40 7.69
N VAL B 149 33.06 -38.36 8.05
CA VAL B 149 32.66 -37.90 9.38
C VAL B 149 31.23 -38.29 9.76
N PRO B 150 31.02 -38.89 10.97
CA PRO B 150 29.66 -39.05 11.52
C PRO B 150 29.05 -37.77 12.08
N GLU B 151 27.89 -37.41 11.54
CA GLU B 151 27.21 -36.16 11.83
C GLU B 151 26.41 -36.24 13.14
N GLU B 152 26.63 -35.26 14.02
CA GLU B 152 25.78 -35.04 15.18
C GLU B 152 24.32 -34.88 14.73
N GLN B 153 23.41 -35.47 15.51
CA GLN B 153 22.00 -35.61 15.17
C GLN B 153 21.28 -34.27 15.18
N MET B 154 20.34 -34.13 14.24
CA MET B 154 19.39 -33.03 14.17
C MET B 154 18.42 -33.09 15.35
N THR B 155 18.45 -32.02 16.15
CA THR B 155 17.47 -31.84 17.22
C THR B 155 16.16 -31.34 16.63
N PHE B 156 15.15 -31.20 17.48
CA PHE B 156 13.87 -30.65 17.07
C PHE B 156 14.02 -29.16 16.78
N LYS B 157 14.80 -28.47 17.64
CA LYS B 157 15.03 -27.04 17.50
C LYS B 157 15.70 -26.75 16.16
N ASP B 158 16.63 -27.62 15.76
CA ASP B 158 17.38 -27.48 14.52
C ASP B 158 16.45 -27.50 13.32
N LEU B 159 15.47 -28.40 13.34
CA LEU B 159 14.58 -28.59 12.20
C LEU B 159 13.59 -27.43 12.11
N VAL B 160 13.19 -26.89 13.26
CA VAL B 160 12.26 -25.77 13.31
C VAL B 160 13.00 -24.49 12.89
N SER B 161 14.27 -24.41 13.27
CA SER B 161 15.15 -23.30 12.90
C SER B 161 15.39 -23.31 11.40
N CYS B 162 15.62 -24.51 10.85
CA CYS B 162 15.73 -24.73 9.42
C CYS B 162 14.44 -24.30 8.71
N THR B 163 13.28 -24.64 9.31
CA THR B 163 11.99 -24.34 8.72
C THR B 163 11.76 -22.83 8.72
N TYR B 164 12.13 -22.18 9.83
CA TYR B 164 11.90 -20.76 10.04
C TYR B 164 12.71 -19.94 9.03
N GLN B 165 13.99 -20.29 8.89
CA GLN B 165 14.93 -19.60 8.01
C GLN B 165 14.40 -19.63 6.59
N LEU B 166 13.87 -20.78 6.17
CA LEU B 166 13.34 -20.96 4.83
C LEU B 166 12.02 -20.20 4.65
N ALA B 167 11.28 -20.04 5.75
CA ALA B 167 10.04 -19.27 5.70
C ALA B 167 10.37 -17.79 5.54
N ARG B 168 11.48 -17.37 6.17
CA ARG B 168 11.97 -16.01 6.11
C ARG B 168 12.42 -15.69 4.68
N GLY B 169 13.17 -16.63 4.09
CA GLY B 169 13.66 -16.50 2.73
C GLY B 169 12.52 -16.31 1.73
N MET B 170 11.49 -17.14 1.87
CA MET B 170 10.35 -17.11 0.97
C MET B 170 9.50 -15.87 1.23
N GLU B 171 9.53 -15.38 2.48
CA GLU B 171 8.80 -14.16 2.82
C GLU B 171 9.41 -12.99 2.07
N TYR B 172 10.75 -12.96 2.03
CA TYR B 172 11.50 -11.95 1.30
C TYR B 172 11.23 -12.08 -0.19
N LEU B 173 11.34 -13.31 -0.73
CA LEU B 173 11.11 -13.55 -2.15
C LEU B 173 9.72 -13.05 -2.55
N ALA B 174 8.70 -13.43 -1.77
CA ALA B 174 7.33 -13.05 -2.05
C ALA B 174 7.19 -11.53 -2.08
N SER B 175 7.92 -10.84 -1.20
CA SER B 175 7.82 -9.39 -1.07
C SER B 175 8.61 -8.71 -2.19
N GLN B 176 9.49 -9.47 -2.86
CA GLN B 176 10.14 -9.00 -4.06
C GLN B 176 9.30 -9.39 -5.28
N LYS B 177 8.04 -9.79 -5.03
CA LYS B 177 7.11 -10.17 -6.06
C LYS B 177 7.73 -11.20 -7.00
N CYS B 178 8.24 -12.29 -6.41
CA CYS B 178 8.94 -13.33 -7.15
C CYS B 178 8.39 -14.70 -6.77
N ILE B 179 8.23 -15.56 -7.79
CA ILE B 179 7.73 -16.91 -7.60
C ILE B 179 8.81 -17.92 -7.99
N HIS B 180 9.23 -18.74 -7.01
CA HIS B 180 10.31 -19.70 -7.18
C HIS B 180 9.90 -20.81 -8.16
N ARG B 181 8.79 -21.50 -7.84
CA ARG B 181 8.16 -22.50 -8.69
C ARG B 181 8.90 -23.84 -8.66
N ASP B 182 9.90 -23.97 -7.79
CA ASP B 182 10.59 -25.25 -7.60
C ASP B 182 11.22 -25.30 -6.21
N LEU B 183 10.44 -24.94 -5.18
CA LEU B 183 10.91 -24.99 -3.81
C LEU B 183 11.00 -26.44 -3.36
N ALA B 184 12.23 -26.88 -3.03
CA ALA B 184 12.49 -28.22 -2.52
C ALA B 184 13.80 -28.20 -1.72
N ALA B 185 14.09 -29.31 -1.04
CA ALA B 185 15.25 -29.41 -0.18
C ALA B 185 16.50 -29.63 -1.03
N ARG B 186 16.28 -30.09 -2.27
CA ARG B 186 17.34 -30.31 -3.24
C ARG B 186 17.83 -28.96 -3.78
N ASN B 187 16.98 -27.92 -3.63
CA ASN B 187 17.24 -26.59 -4.14
C ASN B 187 17.52 -25.61 -3.00
N VAL B 188 17.87 -26.15 -1.83
CA VAL B 188 18.28 -25.35 -0.69
C VAL B 188 19.74 -25.70 -0.39
N LEU B 189 20.56 -24.67 -0.19
CA LEU B 189 21.97 -24.87 0.11
C LEU B 189 22.23 -24.52 1.59
N VAL B 190 23.27 -25.13 2.16
CA VAL B 190 23.56 -25.03 3.57
C VAL B 190 25.03 -24.66 3.76
N THR B 191 25.27 -23.57 4.49
CA THR B 191 26.62 -23.04 4.70
C THR B 191 27.25 -23.68 5.94
N GLU B 192 28.50 -23.32 6.20
CA GLU B 192 29.33 -23.92 7.24
C GLU B 192 28.69 -23.71 8.62
N ASN B 193 27.98 -22.58 8.76
CA ASN B 193 27.36 -22.20 10.03
C ASN B 193 25.89 -22.58 10.04
N ASN B 194 25.52 -23.51 9.13
CA ASN B 194 24.20 -24.13 9.09
C ASN B 194 23.13 -23.09 8.78
N VAL B 195 23.44 -22.14 7.90
CA VAL B 195 22.47 -21.16 7.46
C VAL B 195 21.79 -21.72 6.20
N MET B 196 20.45 -21.70 6.19
CA MET B 196 19.69 -22.16 5.04
C MET B 196 19.72 -21.07 3.96
N LYS B 197 19.95 -21.48 2.71
CA LYS B 197 20.05 -20.57 1.59
C LYS B 197 19.28 -21.11 0.38
N ILE B 198 18.12 -20.50 0.12
CA ILE B 198 17.27 -20.88 -1.01
C ILE B 198 18.04 -20.59 -2.29
N ALA B 199 18.01 -21.57 -3.23
CA ALA B 199 18.78 -21.46 -4.46
C ALA B 199 17.99 -22.03 -5.64
N ASP B 200 18.66 -22.14 -6.79
CA ASP B 200 18.11 -22.66 -8.04
C ASP B 200 16.91 -21.81 -8.47
N PHE B 201 17.19 -20.70 -9.17
CA PHE B 201 16.16 -19.80 -9.65
C PHE B 201 15.88 -20.07 -11.12
N GLY B 202 16.01 -21.34 -11.51
CA GLY B 202 15.85 -21.75 -12.90
C GLY B 202 14.46 -21.43 -13.45
N LEU B 203 13.43 -21.70 -12.64
CA LEU B 203 12.04 -21.57 -13.05
C LEU B 203 11.41 -20.35 -12.38
N ALA B 204 12.23 -19.56 -11.68
CA ALA B 204 11.75 -18.42 -10.92
C ALA B 204 11.37 -17.28 -11.86
N ARG B 205 10.25 -16.60 -11.54
CA ARG B 205 9.71 -15.54 -12.37
C ARG B 205 9.34 -14.33 -11.49
N VAL B 206 9.40 -13.13 -12.09
CA VAL B 206 8.95 -11.91 -11.44
C VAL B 206 7.59 -11.54 -12.02
N ILE B 207 6.55 -11.67 -11.19
CA ILE B 207 5.17 -11.49 -11.59
C ILE B 207 4.67 -10.15 -11.07
N ASN B 208 3.37 -9.89 -11.29
CA ASN B 208 2.65 -8.77 -10.72
C ASN B 208 1.73 -9.30 -9.61
N ASN B 209 0.67 -8.55 -9.32
CA ASN B 209 -0.27 -8.95 -8.27
C ASN B 209 -1.24 -10.00 -8.84
N THR B 216 0.46 -21.07 -23.61
CA THR B 216 1.54 -22.02 -24.01
C THR B 216 2.11 -22.66 -22.75
N THR B 217 1.66 -23.89 -22.46
CA THR B 217 2.04 -24.61 -21.26
C THR B 217 3.40 -25.26 -21.45
N ASN B 218 4.25 -25.12 -20.43
CA ASN B 218 5.41 -25.98 -20.23
C ASN B 218 5.26 -26.64 -18.85
N GLY B 219 5.45 -27.97 -18.81
CA GLY B 219 5.39 -28.71 -17.56
C GLY B 219 6.78 -29.15 -17.09
N ARG B 220 7.57 -28.18 -16.63
CA ARG B 220 8.94 -28.41 -16.19
C ARG B 220 9.00 -28.41 -14.67
N LEU B 221 7.83 -28.38 -14.03
CA LEU B 221 7.75 -28.31 -12.57
C LEU B 221 7.66 -29.72 -12.01
N PRO B 222 8.35 -30.03 -10.89
CA PRO B 222 8.25 -31.34 -10.24
C PRO B 222 6.86 -31.52 -9.65
N VAL B 223 6.24 -32.66 -9.95
CA VAL B 223 4.82 -32.89 -9.69
C VAL B 223 4.54 -32.83 -8.18
N LYS B 224 5.41 -33.50 -7.40
CA LYS B 224 5.16 -33.79 -6.00
C LYS B 224 5.38 -32.54 -5.12
N TRP B 225 5.69 -31.40 -5.76
CA TRP B 225 5.91 -30.15 -5.03
C TRP B 225 4.97 -29.07 -5.55
N MET B 226 4.15 -29.43 -6.53
CA MET B 226 3.30 -28.47 -7.21
C MET B 226 1.92 -28.43 -6.56
N ALA B 227 1.43 -27.21 -6.32
CA ALA B 227 0.07 -26.94 -5.90
C ALA B 227 -0.90 -27.39 -6.99
N PRO B 228 -2.14 -27.80 -6.65
CA PRO B 228 -3.09 -28.33 -7.63
C PRO B 228 -3.42 -27.34 -8.75
N GLU B 229 -3.53 -26.06 -8.40
CA GLU B 229 -3.86 -25.02 -9.36
C GLU B 229 -2.73 -24.85 -10.35
N ALA B 230 -1.50 -25.13 -9.89
CA ALA B 230 -0.32 -25.14 -10.75
C ALA B 230 -0.44 -26.25 -11.79
N LEU B 231 -0.95 -27.40 -11.35
CA LEU B 231 -0.98 -28.60 -12.18
C LEU B 231 -2.22 -28.61 -13.08
N PHE B 232 -3.36 -28.15 -12.57
CA PHE B 232 -4.63 -28.33 -13.24
C PHE B 232 -5.04 -27.07 -14.00
N ASP B 233 -4.75 -25.90 -13.41
CA ASP B 233 -5.20 -24.63 -13.95
C ASP B 233 -4.06 -23.94 -14.72
N ARG B 234 -2.82 -24.39 -14.47
CA ARG B 234 -1.62 -23.81 -15.05
C ARG B 234 -1.54 -22.33 -14.67
N VAL B 235 -1.72 -22.06 -13.36
CA VAL B 235 -1.58 -20.73 -12.79
C VAL B 235 -0.64 -20.83 -11.59
N TYR B 236 0.12 -19.75 -11.33
CA TYR B 236 1.04 -19.74 -10.20
C TYR B 236 0.96 -18.42 -9.46
N THR B 237 0.87 -18.52 -8.13
CA THR B 237 0.84 -17.38 -7.22
C THR B 237 1.87 -17.60 -6.12
N HIS B 238 1.94 -16.68 -5.17
CA HIS B 238 2.78 -16.86 -3.99
C HIS B 238 2.22 -17.98 -3.11
N GLN B 239 0.92 -18.24 -3.27
CA GLN B 239 0.21 -19.23 -2.46
C GLN B 239 0.52 -20.64 -2.97
N SER B 240 1.08 -20.73 -4.19
CA SER B 240 1.52 -22.00 -4.75
C SER B 240 2.87 -22.38 -4.17
N ASP B 241 3.68 -21.35 -3.86
CA ASP B 241 5.01 -21.55 -3.29
C ASP B 241 4.86 -21.95 -1.83
N VAL B 242 3.71 -21.58 -1.24
CA VAL B 242 3.35 -21.97 0.11
C VAL B 242 3.10 -23.48 0.12
N TRP B 243 2.34 -23.96 -0.87
CA TRP B 243 2.07 -25.38 -1.03
C TRP B 243 3.39 -26.16 -1.04
N SER B 244 4.34 -25.64 -1.81
CA SER B 244 5.63 -26.28 -1.94
C SER B 244 6.40 -26.23 -0.62
N PHE B 245 6.15 -25.15 0.16
CA PHE B 245 6.81 -25.00 1.45
C PHE B 245 6.33 -26.09 2.40
N GLY B 246 5.03 -26.44 2.29
CA GLY B 246 4.43 -27.53 3.04
C GLY B 246 5.15 -28.84 2.76
N VAL B 247 5.47 -29.07 1.48
CA VAL B 247 6.21 -30.24 1.03
C VAL B 247 7.64 -30.16 1.56
N LEU B 248 8.18 -28.94 1.65
CA LEU B 248 9.55 -28.75 2.12
C LEU B 248 9.61 -29.06 3.61
N MET B 249 8.59 -28.61 4.35
CA MET B 249 8.41 -28.92 5.76
C MET B 249 8.44 -30.43 5.94
N TRP B 250 7.67 -31.14 5.12
CA TRP B 250 7.56 -32.60 5.19
C TRP B 250 8.93 -33.23 4.97
N GLU B 251 9.68 -32.72 3.98
CA GLU B 251 11.03 -33.19 3.70
C GLU B 251 11.93 -32.98 4.91
N ILE B 252 11.86 -31.78 5.51
CA ILE B 252 12.70 -31.42 6.63
C ILE B 252 12.48 -32.41 7.78
N PHE B 253 11.21 -32.62 8.15
CA PHE B 253 10.85 -33.36 9.35
C PHE B 253 10.92 -34.87 9.16
N THR B 254 11.11 -35.31 7.90
CA THR B 254 11.39 -36.71 7.60
C THR B 254 12.89 -36.90 7.37
N LEU B 255 13.68 -35.84 7.60
CA LEU B 255 15.12 -35.82 7.41
C LEU B 255 15.47 -36.18 5.97
N GLY B 256 14.80 -35.52 5.02
CA GLY B 256 15.12 -35.63 3.60
C GLY B 256 14.41 -36.81 2.95
N GLY B 257 13.21 -37.13 3.46
CA GLY B 257 12.41 -38.23 2.93
C GLY B 257 11.72 -37.83 1.62
N SER B 258 11.43 -38.84 0.79
CA SER B 258 10.81 -38.64 -0.50
C SER B 258 9.29 -38.49 -0.34
N PRO B 259 8.70 -37.33 -0.71
CA PRO B 259 7.28 -37.09 -0.51
C PRO B 259 6.40 -38.07 -1.26
N TYR B 260 5.21 -38.33 -0.70
CA TYR B 260 4.28 -39.34 -1.19
C TYR B 260 5.00 -40.68 -1.33
N PRO B 261 5.52 -41.25 -0.22
CA PRO B 261 6.33 -42.48 -0.28
C PRO B 261 5.55 -43.67 -0.81
N GLY B 262 6.11 -44.32 -1.84
CA GLY B 262 5.53 -45.53 -2.42
C GLY B 262 4.52 -45.20 -3.52
N ILE B 263 4.16 -43.92 -3.63
CA ILE B 263 3.22 -43.45 -4.65
C ILE B 263 4.00 -42.94 -5.85
N PRO B 264 3.86 -43.56 -7.04
CA PRO B 264 4.48 -43.04 -8.26
C PRO B 264 3.84 -41.74 -8.71
N VAL B 265 4.63 -40.90 -9.38
CA VAL B 265 4.23 -39.58 -9.85
C VAL B 265 2.93 -39.67 -10.65
N GLU B 266 2.77 -40.76 -11.39
CA GLU B 266 1.70 -40.95 -12.35
C GLU B 266 0.35 -41.02 -11.64
N GLU B 267 0.33 -41.56 -10.42
CA GLU B 267 -0.92 -41.81 -9.72
C GLU B 267 -1.29 -40.62 -8.82
N LEU B 268 -0.40 -39.63 -8.74
CA LEU B 268 -0.60 -38.49 -7.84
C LEU B 268 -1.52 -37.45 -8.47
N PHE B 269 -1.65 -37.48 -9.80
CA PHE B 269 -2.59 -36.62 -10.51
C PHE B 269 -4.00 -36.86 -9.98
N LYS B 270 -4.36 -38.15 -9.88
CA LYS B 270 -5.68 -38.62 -9.50
C LYS B 270 -5.93 -38.39 -8.01
N LEU B 271 -4.89 -38.61 -7.19
CA LEU B 271 -5.00 -38.63 -5.75
C LEU B 271 -5.20 -37.23 -5.18
N LEU B 272 -4.59 -36.22 -5.82
CA LEU B 272 -4.71 -34.84 -5.36
C LEU B 272 -6.14 -34.34 -5.55
N LYS B 273 -6.78 -34.81 -6.64
CA LYS B 273 -8.16 -34.47 -6.94
C LYS B 273 -9.10 -35.13 -5.93
N GLU B 274 -8.73 -36.34 -5.51
CA GLU B 274 -9.50 -37.12 -4.55
C GLU B 274 -9.29 -36.55 -3.14
N GLY B 275 -8.19 -35.82 -2.95
CA GLY B 275 -7.96 -35.07 -1.73
C GLY B 275 -6.86 -35.66 -0.86
N HIS B 276 -6.00 -36.49 -1.47
CA HIS B 276 -4.91 -37.14 -0.76
C HIS B 276 -3.95 -36.10 -0.18
N ARG B 277 -3.48 -36.36 1.05
CA ARG B 277 -2.42 -35.60 1.69
C ARG B 277 -1.46 -36.57 2.37
N MET B 278 -0.24 -36.09 2.65
CA MET B 278 0.79 -36.91 3.26
C MET B 278 0.52 -37.05 4.75
N ASP B 279 0.85 -38.21 5.31
CA ASP B 279 0.69 -38.47 6.72
C ASP B 279 1.70 -37.63 7.50
N LYS B 280 1.46 -37.50 8.82
CA LYS B 280 2.29 -36.68 9.69
C LYS B 280 3.64 -37.34 9.88
N PRO B 281 4.76 -36.61 9.62
CA PRO B 281 6.10 -37.08 9.98
C PRO B 281 6.19 -37.29 11.48
N ALA B 282 6.94 -38.33 11.89
CA ALA B 282 6.99 -38.73 13.28
C ALA B 282 7.90 -37.80 14.09
N ASN B 283 8.68 -36.97 13.41
CA ASN B 283 9.57 -36.02 14.07
C ASN B 283 8.83 -34.70 14.30
N CYS B 284 7.60 -34.64 13.78
CA CYS B 284 6.84 -33.40 13.68
C CYS B 284 5.83 -33.35 14.82
N THR B 285 5.54 -32.13 15.30
CA THR B 285 4.47 -31.94 16.27
C THR B 285 3.15 -31.75 15.52
N ASN B 286 2.04 -31.86 16.27
CA ASN B 286 0.70 -31.66 15.74
C ASN B 286 0.58 -30.25 15.18
N GLU B 287 1.10 -29.28 15.95
CA GLU B 287 1.04 -27.87 15.61
C GLU B 287 1.64 -27.64 14.23
N LEU B 288 2.84 -28.21 14.01
CA LEU B 288 3.62 -28.00 12.80
C LEU B 288 2.99 -28.74 11.63
N TYR B 289 2.45 -29.95 11.89
CA TYR B 289 1.79 -30.71 10.85
C TYR B 289 0.48 -30.04 10.44
N MET B 290 -0.15 -29.33 11.39
CA MET B 290 -1.34 -28.54 11.08
C MET B 290 -0.97 -27.42 10.12
N MET B 291 0.14 -26.75 10.41
CA MET B 291 0.72 -25.72 9.56
C MET B 291 0.97 -26.29 8.16
N MET B 292 1.48 -27.54 8.12
CA MET B 292 1.71 -28.27 6.89
C MET B 292 0.40 -28.44 6.12
N ARG B 293 -0.64 -28.90 6.84
CA ARG B 293 -1.93 -29.25 6.27
C ARG B 293 -2.66 -28.00 5.79
N ASP B 294 -2.42 -26.87 6.48
CA ASP B 294 -2.93 -25.58 6.05
C ASP B 294 -2.26 -25.16 4.74
N CYS B 295 -0.95 -25.39 4.67
CA CYS B 295 -0.17 -25.10 3.46
C CYS B 295 -0.68 -25.95 2.29
N TRP B 296 -1.36 -27.06 2.59
CA TRP B 296 -1.83 -27.98 1.56
C TRP B 296 -3.33 -27.82 1.31
N HIS B 297 -3.86 -26.62 1.59
CA HIS B 297 -5.27 -26.36 1.34
C HIS B 297 -5.51 -26.25 -0.16
N ALA B 298 -6.58 -26.90 -0.65
CA ALA B 298 -6.91 -26.97 -2.07
C ALA B 298 -7.14 -25.57 -2.63
N VAL B 299 -7.77 -24.70 -1.83
CA VAL B 299 -8.07 -23.34 -2.24
C VAL B 299 -6.90 -22.43 -1.82
N PRO B 300 -6.18 -21.83 -2.79
CA PRO B 300 -4.93 -21.12 -2.51
C PRO B 300 -5.02 -19.99 -1.46
N SER B 301 -6.13 -19.25 -1.47
CA SER B 301 -6.30 -18.11 -0.58
C SER B 301 -6.64 -18.56 0.84
N GLN B 302 -6.79 -19.88 1.03
CA GLN B 302 -7.06 -20.46 2.34
C GLN B 302 -5.76 -20.90 3.01
N ARG B 303 -4.68 -20.98 2.23
CA ARG B 303 -3.34 -21.24 2.74
C ARG B 303 -2.84 -19.98 3.46
N PRO B 304 -1.97 -20.13 4.48
CA PRO B 304 -1.32 -18.97 5.10
C PRO B 304 -0.37 -18.28 4.12
N THR B 305 -0.02 -17.02 4.45
CA THR B 305 1.04 -16.32 3.75
C THR B 305 2.36 -16.64 4.45
N PHE B 306 3.48 -16.30 3.79
CA PHE B 306 4.80 -16.55 4.34
C PHE B 306 5.02 -15.66 5.57
N LYS B 307 4.48 -14.45 5.53
CA LYS B 307 4.54 -13.52 6.66
C LYS B 307 3.87 -14.18 7.88
N GLN B 308 2.72 -14.83 7.65
CA GLN B 308 1.99 -15.51 8.69
C GLN B 308 2.81 -16.71 9.19
N LEU B 309 3.32 -17.49 8.23
CA LEU B 309 4.13 -18.66 8.51
C LEU B 309 5.33 -18.29 9.38
N VAL B 310 5.94 -17.12 9.10
CA VAL B 310 7.11 -16.66 9.83
C VAL B 310 6.74 -16.40 11.29
N GLU B 311 5.60 -15.71 11.49
CA GLU B 311 5.19 -15.27 12.81
C GLU B 311 4.92 -16.47 13.71
N ASP B 312 4.31 -17.52 13.14
CA ASP B 312 3.99 -18.74 13.87
C ASP B 312 5.27 -19.49 14.22
N LEU B 313 6.14 -19.67 13.23
CA LEU B 313 7.39 -20.41 13.39
C LEU B 313 8.31 -19.67 14.38
N ASP B 314 8.20 -18.34 14.43
CA ASP B 314 8.88 -17.53 15.42
C ASP B 314 8.49 -18.00 16.83
N ARG B 315 7.18 -18.02 17.08
CA ARG B 315 6.62 -18.30 18.39
C ARG B 315 6.93 -19.74 18.83
N ILE B 316 6.82 -20.67 17.88
CA ILE B 316 7.09 -22.08 18.15
C ILE B 316 8.56 -22.23 18.55
N LEU B 317 9.46 -21.62 17.78
CA LEU B 317 10.89 -21.70 18.00
C LEU B 317 11.26 -21.09 19.35
N THR B 318 10.53 -20.05 19.75
CA THR B 318 10.78 -19.33 21.00
C THR B 318 10.46 -20.22 22.20
N LEU B 319 9.48 -21.11 22.05
CA LEU B 319 9.04 -21.97 23.16
C LEU B 319 9.98 -23.15 23.35
N THR B 320 10.72 -23.52 22.28
CA THR B 320 11.70 -24.59 22.36
C THR B 320 12.90 -24.14 23.20
N GLU C 21 -3.21 16.26 23.93
CA GLU C 21 -2.97 14.89 24.48
C GLU C 21 -2.14 14.07 23.50
N TYR C 22 -1.05 13.47 24.00
CA TYR C 22 -0.17 12.67 23.17
C TYR C 22 -0.86 11.38 22.76
N GLU C 23 -0.71 11.03 21.48
CA GLU C 23 -1.20 9.76 20.97
C GLU C 23 -0.36 9.35 19.75
N LEU C 24 0.26 8.18 19.85
CA LEU C 24 0.94 7.58 18.72
C LEU C 24 0.23 6.28 18.34
N PRO C 25 -0.30 6.17 17.10
CA PRO C 25 -0.86 4.91 16.62
C PRO C 25 0.25 3.87 16.43
N GLU C 26 -0.04 2.63 16.84
CA GLU C 26 0.89 1.52 16.76
C GLU C 26 1.06 1.11 15.30
N ASP C 27 2.30 0.80 14.91
CA ASP C 27 2.63 0.11 13.68
C ASP C 27 3.07 -1.30 14.03
N PRO C 28 2.21 -2.33 13.79
CA PRO C 28 2.44 -3.69 14.30
C PRO C 28 3.73 -4.34 13.80
N LYS C 29 4.19 -3.93 12.62
CA LYS C 29 5.34 -4.55 11.97
C LYS C 29 6.64 -4.05 12.59
N TRP C 30 6.57 -2.93 13.32
CA TRP C 30 7.76 -2.31 13.91
C TRP C 30 7.72 -2.40 15.43
N GLU C 31 6.52 -2.48 16.01
CA GLU C 31 6.31 -2.51 17.45
C GLU C 31 7.13 -3.65 18.07
N PHE C 32 7.68 -3.39 19.26
CA PHE C 32 8.44 -4.38 20.00
C PHE C 32 8.00 -4.37 21.46
N PRO C 33 7.68 -5.55 22.05
CA PRO C 33 7.16 -5.60 23.42
C PRO C 33 8.19 -5.15 24.46
N ARG C 34 7.73 -4.35 25.43
CA ARG C 34 8.56 -3.74 26.46
C ARG C 34 9.16 -4.79 27.38
N ASP C 35 8.41 -5.87 27.64
CA ASP C 35 8.79 -6.93 28.57
C ASP C 35 10.01 -7.69 28.05
N LYS C 36 10.39 -7.43 26.79
CA LYS C 36 11.46 -8.15 26.12
C LYS C 36 12.74 -7.30 26.10
N LEU C 37 12.61 -6.03 26.52
CA LEU C 37 13.67 -5.05 26.41
C LEU C 37 14.15 -4.62 27.81
N THR C 38 15.45 -4.77 28.06
CA THR C 38 16.05 -4.36 29.32
C THR C 38 17.12 -3.29 29.06
N LEU C 39 16.92 -2.11 29.66
CA LEU C 39 17.82 -0.98 29.51
C LEU C 39 19.06 -1.18 30.38
N GLY C 40 20.21 -0.73 29.87
CA GLY C 40 21.48 -0.81 30.58
C GLY C 40 22.08 0.58 30.82
N LYS C 41 23.34 0.74 30.40
CA LYS C 41 24.13 1.93 30.70
C LYS C 41 23.90 3.00 29.63
N PRO C 42 23.95 4.31 30.01
CA PRO C 42 23.95 5.40 29.02
C PRO C 42 25.18 5.33 28.12
N LEU C 43 25.00 5.74 26.86
CA LEU C 43 26.01 5.51 25.84
C LEU C 43 26.76 6.78 25.46
N GLY C 44 26.39 7.92 26.05
CA GLY C 44 27.18 9.13 25.88
C GLY C 44 26.37 10.42 25.97
N GLU C 45 25.44 10.61 25.02
CA GLU C 45 24.64 11.82 24.87
C GLU C 45 25.49 12.94 24.28
N GLY C 46 24.85 13.78 23.46
CA GLY C 46 25.53 14.92 22.84
C GLY C 46 25.43 14.91 21.32
N CYS C 47 25.51 13.71 20.74
CA CYS C 47 25.58 13.55 19.30
C CYS C 47 24.27 12.99 18.75
N PHE C 48 23.58 12.15 19.54
CA PHE C 48 22.42 11.43 19.05
C PHE C 48 21.26 11.51 20.03
N GLY C 49 21.29 12.52 20.93
CA GLY C 49 20.31 12.63 21.99
C GLY C 49 20.59 11.64 23.11
N GLN C 50 19.60 11.39 23.98
CA GLN C 50 19.77 10.46 25.10
C GLN C 50 19.63 9.03 24.58
N VAL C 51 20.75 8.29 24.59
CA VAL C 51 20.77 6.93 24.10
C VAL C 51 21.33 6.01 25.18
N VAL C 52 20.74 4.81 25.32
CA VAL C 52 21.17 3.83 26.30
C VAL C 52 21.38 2.48 25.62
N MET C 53 22.27 1.67 26.20
CA MET C 53 22.44 0.28 25.82
C MET C 53 21.27 -0.52 26.37
N ALA C 54 20.93 -1.60 25.68
CA ALA C 54 19.80 -2.44 26.07
C ALA C 54 19.94 -3.82 25.44
N GLU C 55 19.18 -4.78 26.00
CA GLU C 55 19.07 -6.12 25.47
C GLU C 55 17.61 -6.36 25.09
N ALA C 56 17.40 -6.92 23.90
CA ALA C 56 16.07 -7.12 23.33
C ALA C 56 15.94 -8.55 22.81
N VAL C 57 15.11 -9.35 23.48
CA VAL C 57 14.96 -10.76 23.13
C VAL C 57 13.99 -10.89 21.97
N GLY C 58 14.50 -11.44 20.86
CA GLY C 58 13.69 -11.78 19.70
C GLY C 58 13.54 -10.65 18.69
N ILE C 59 14.32 -9.58 18.85
CA ILE C 59 14.27 -8.46 17.91
C ILE C 59 14.93 -8.85 16.59
N ASP C 60 16.05 -9.57 16.69
CA ASP C 60 16.80 -10.01 15.51
C ASP C 60 16.12 -11.23 14.93
N LYS C 61 15.49 -11.06 13.76
CA LYS C 61 14.64 -12.08 13.16
C LYS C 61 15.49 -13.28 12.76
N ASP C 62 16.77 -13.03 12.43
CA ASP C 62 17.71 -14.06 12.01
C ASP C 62 17.93 -15.08 13.12
N LYS C 63 17.90 -14.60 14.37
CA LYS C 63 18.07 -15.42 15.56
C LYS C 63 17.00 -15.01 16.57
N PRO C 64 15.75 -15.52 16.44
CA PRO C 64 14.58 -14.94 17.12
C PRO C 64 14.39 -15.48 18.53
N LYS C 65 15.43 -16.10 19.08
CA LYS C 65 15.39 -16.61 20.45
C LYS C 65 16.51 -15.94 21.25
N GLU C 66 17.45 -15.34 20.52
CA GLU C 66 18.67 -14.79 21.09
C GLU C 66 18.40 -13.41 21.67
N ALA C 67 19.17 -13.06 22.70
CA ALA C 67 19.10 -11.75 23.34
C ALA C 67 20.16 -10.83 22.74
N VAL C 68 19.72 -9.95 21.83
CA VAL C 68 20.62 -9.12 21.04
C VAL C 68 20.83 -7.80 21.77
N THR C 69 22.07 -7.29 21.67
CA THR C 69 22.45 -5.99 22.19
C THR C 69 22.02 -4.93 21.19
N VAL C 70 21.36 -3.88 21.70
CA VAL C 70 20.82 -2.82 20.87
C VAL C 70 21.06 -1.48 21.56
N ALA C 71 20.63 -0.40 20.90
CA ALA C 71 20.67 0.92 21.49
C ALA C 71 19.26 1.51 21.45
N VAL C 72 18.92 2.26 22.50
CA VAL C 72 17.58 2.82 22.61
C VAL C 72 17.70 4.33 22.79
N LYS C 73 17.02 5.06 21.91
CA LYS C 73 16.87 6.49 22.06
C LYS C 73 15.53 6.78 22.73
N MET C 74 15.55 7.73 23.66
CA MET C 74 14.40 8.05 24.48
C MET C 74 14.47 9.51 24.90
N LEU C 75 13.34 10.09 25.27
CA LEU C 75 13.31 11.46 25.74
C LEU C 75 13.91 11.52 27.15
N LYS C 76 14.51 12.66 27.47
CA LYS C 76 15.06 12.90 28.80
C LYS C 76 13.92 13.47 29.67
N ASP C 77 14.19 13.63 30.97
CA ASP C 77 13.22 14.22 31.88
C ASP C 77 13.00 15.68 31.52
N ASP C 78 14.02 16.29 30.90
CA ASP C 78 13.98 17.71 30.56
C ASP C 78 13.61 17.90 29.09
N ALA C 79 13.04 16.85 28.48
CA ALA C 79 12.63 16.87 27.09
C ALA C 79 11.66 18.02 26.82
N THR C 80 11.79 18.59 25.62
CA THR C 80 10.90 19.65 25.14
C THR C 80 9.83 19.01 24.26
N GLU C 81 8.84 19.82 23.86
CA GLU C 81 7.77 19.37 23.00
C GLU C 81 8.34 18.95 21.65
N LYS C 82 9.32 19.72 21.16
CA LYS C 82 9.96 19.50 19.88
C LYS C 82 10.78 18.22 19.89
N ASP C 83 11.34 17.86 21.05
CA ASP C 83 12.11 16.63 21.22
C ASP C 83 11.24 15.42 20.88
N LEU C 84 9.98 15.45 21.35
CA LEU C 84 9.04 14.37 21.13
C LEU C 84 8.79 14.20 19.64
N SER C 85 8.42 15.30 18.97
CA SER C 85 8.08 15.29 17.55
C SER C 85 9.31 14.91 16.71
N ASP C 86 10.50 15.33 17.14
CA ASP C 86 11.74 15.04 16.45
C ASP C 86 12.04 13.54 16.51
N LEU C 87 11.83 12.94 17.70
CA LEU C 87 12.10 11.53 17.90
C LEU C 87 11.16 10.69 17.03
N VAL C 88 9.90 11.13 16.93
CA VAL C 88 8.89 10.47 16.10
C VAL C 88 9.31 10.57 14.63
N SER C 89 9.70 11.78 14.21
CA SER C 89 10.09 12.07 12.84
C SER C 89 11.33 11.30 12.42
N GLU C 90 12.27 11.10 13.35
CA GLU C 90 13.49 10.38 13.06
C GLU C 90 13.16 8.91 12.83
N MET C 91 12.22 8.39 13.64
CA MET C 91 11.74 7.02 13.55
C MET C 91 11.10 6.78 12.18
N GLU C 92 10.16 7.66 11.80
CA GLU C 92 9.44 7.53 10.54
C GLU C 92 10.39 7.74 9.35
N MET C 93 11.39 8.62 9.53
CA MET C 93 12.41 8.86 8.52
C MET C 93 13.23 7.58 8.34
N MET C 94 13.56 6.91 9.45
CA MET C 94 14.30 5.66 9.43
C MET C 94 13.47 4.58 8.74
N LYS C 95 12.16 4.60 8.98
CA LYS C 95 11.25 3.63 8.39
C LYS C 95 11.26 3.74 6.87
N MET C 96 11.26 4.98 6.37
CA MET C 96 11.06 5.27 4.95
C MET C 96 12.37 5.18 4.17
N ILE C 97 13.51 5.31 4.87
CA ILE C 97 14.82 5.29 4.23
C ILE C 97 15.15 3.89 3.74
N GLY C 98 14.82 2.88 4.57
CA GLY C 98 15.11 1.49 4.24
C GLY C 98 16.47 1.05 4.76
N LYS C 99 16.79 -0.23 4.53
CA LYS C 99 17.96 -0.89 5.10
C LYS C 99 19.13 -0.79 4.12
N HIS C 100 20.30 -0.43 4.66
CA HIS C 100 21.56 -0.44 3.94
C HIS C 100 22.70 -0.70 4.93
N LYS C 101 23.79 -1.26 4.41
CA LYS C 101 24.92 -1.71 5.22
C LYS C 101 25.63 -0.53 5.90
N ASN C 102 25.49 0.67 5.33
CA ASN C 102 26.24 1.82 5.82
C ASN C 102 25.28 2.88 6.35
N ILE C 103 24.05 2.44 6.65
CA ILE C 103 23.04 3.26 7.30
C ILE C 103 22.60 2.52 8.55
N ILE C 104 22.48 3.26 9.67
CA ILE C 104 22.10 2.69 10.94
C ILE C 104 20.65 2.21 10.85
N ASP C 105 20.42 0.94 11.23
CA ASP C 105 19.14 0.29 11.02
C ASP C 105 18.20 0.56 12.19
N LEU C 106 16.92 0.75 11.86
CA LEU C 106 15.83 0.70 12.83
C LEU C 106 15.49 -0.77 13.07
N LEU C 107 15.55 -1.18 14.35
CA LEU C 107 15.23 -2.56 14.69
C LEU C 107 13.79 -2.66 15.16
N GLY C 108 13.34 -1.69 15.97
CA GLY C 108 11.97 -1.65 16.43
C GLY C 108 11.66 -0.40 17.26
N ALA C 109 10.53 -0.43 17.96
CA ALA C 109 10.07 0.71 18.76
C ALA C 109 9.02 0.28 19.79
N CYS C 110 8.95 1.03 20.88
CA CYS C 110 7.93 0.90 21.91
C CYS C 110 7.13 2.19 21.96
N THR C 111 5.85 2.13 21.56
CA THR C 111 5.08 3.34 21.33
C THR C 111 3.80 3.38 22.17
N GLN C 112 3.50 2.29 22.90
CA GLN C 112 2.27 2.24 23.68
C GLN C 112 2.57 1.95 25.15
N ASP C 113 1.66 2.40 26.01
CA ASP C 113 1.67 2.16 27.44
C ASP C 113 3.06 2.40 28.02
N GLY C 114 3.55 3.64 27.95
CA GLY C 114 4.83 3.98 28.54
C GLY C 114 5.68 4.89 27.65
N PRO C 115 6.92 5.21 28.07
CA PRO C 115 7.77 6.16 27.33
C PRO C 115 8.14 5.64 25.94
N LEU C 116 8.34 6.58 25.01
CA LEU C 116 8.66 6.26 23.63
C LEU C 116 10.11 5.77 23.55
N TYR C 117 10.28 4.52 23.12
CA TYR C 117 11.59 3.94 22.88
C TYR C 117 11.73 3.62 21.40
N VAL C 118 12.77 4.20 20.77
CA VAL C 118 13.17 3.85 19.41
C VAL C 118 14.43 2.98 19.51
N ILE C 119 14.34 1.75 18.97
CA ILE C 119 15.43 0.79 19.08
C ILE C 119 16.21 0.75 17.77
N VAL C 120 17.53 0.86 17.87
CA VAL C 120 18.41 0.91 16.72
C VAL C 120 19.57 -0.07 16.90
N GLU C 121 20.28 -0.31 15.79
CA GLU C 121 21.49 -1.12 15.73
C GLU C 121 22.50 -0.59 16.73
N TYR C 122 23.19 -1.51 17.41
CA TYR C 122 24.25 -1.15 18.33
C TYR C 122 25.57 -1.05 17.57
N ALA C 123 26.34 0.00 17.88
CA ALA C 123 27.65 0.22 17.31
C ALA C 123 28.66 0.37 18.45
N SER C 124 29.44 -0.70 18.68
CA SER C 124 30.20 -0.85 19.90
C SER C 124 31.38 0.11 19.98
N LYS C 125 31.82 0.63 18.82
CA LYS C 125 33.04 1.41 18.74
C LYS C 125 32.72 2.91 18.66
N GLY C 126 31.47 3.29 18.90
CA GLY C 126 31.09 4.69 19.05
C GLY C 126 30.95 5.41 17.72
N ASN C 127 31.06 6.74 17.77
CA ASN C 127 31.00 7.56 16.57
C ASN C 127 32.37 7.59 15.89
N LEU C 128 32.42 8.05 14.63
CA LEU C 128 33.62 8.01 13.82
C LEU C 128 34.70 8.93 14.39
N ARG C 129 34.30 10.11 14.85
CA ARG C 129 35.22 11.10 15.40
C ARG C 129 36.05 10.45 16.50
N GLU C 130 35.38 9.89 17.53
CA GLU C 130 36.01 9.29 18.69
C GLU C 130 36.80 8.04 18.29
N TYR C 131 36.29 7.31 17.29
CA TYR C 131 36.89 6.08 16.80
C TYR C 131 38.27 6.40 16.21
N LEU C 132 38.31 7.45 15.37
CA LEU C 132 39.54 7.89 14.72
C LEU C 132 40.49 8.48 15.75
N ARG C 133 39.93 9.28 16.68
CA ARG C 133 40.74 10.02 17.64
C ARG C 133 41.45 9.07 18.61
N ALA C 134 40.83 7.91 18.86
CA ALA C 134 41.40 6.91 19.75
C ALA C 134 42.49 6.12 19.02
N ARG C 135 42.49 6.21 17.69
CA ARG C 135 43.42 5.47 16.86
C ARG C 135 44.48 6.39 16.26
N ARG C 136 44.56 7.62 16.79
CA ARG C 136 45.57 8.59 16.39
C ARG C 136 46.93 8.10 16.87
N PRO C 137 47.95 8.00 15.98
CA PRO C 137 49.27 7.51 16.39
C PRO C 137 49.86 8.38 17.50
N PRO C 138 50.57 7.79 18.49
CA PRO C 138 51.17 8.57 19.58
C PRO C 138 52.13 9.60 19.03
N GLY C 139 51.88 10.88 19.33
CA GLY C 139 52.60 11.98 18.71
C GLY C 139 53.35 12.83 19.74
N MET C 140 53.40 12.32 20.98
CA MET C 140 53.87 13.08 22.13
C MET C 140 52.81 14.12 22.48
N GLU C 141 51.56 13.67 22.61
CA GLU C 141 50.42 14.54 22.84
C GLU C 141 50.63 15.26 24.16
N TYR C 142 51.55 14.73 24.97
CA TYR C 142 51.95 15.25 26.27
C TYR C 142 50.86 14.94 27.32
N SER C 143 49.75 14.37 26.86
CA SER C 143 48.70 13.85 27.73
C SER C 143 48.35 12.43 27.28
N TYR C 144 48.02 11.59 28.27
CA TYR C 144 47.48 10.26 28.04
C TYR C 144 45.98 10.37 27.82
N ASP C 145 45.42 9.44 27.03
CA ASP C 145 44.01 9.42 26.71
C ASP C 145 43.29 8.52 27.73
N ILE C 146 42.79 7.38 27.25
CA ILE C 146 42.21 6.33 28.06
C ILE C 146 41.26 5.53 27.17
N ASN C 147 40.74 6.19 26.12
CA ASN C 147 39.96 5.53 25.09
C ASN C 147 40.90 5.08 23.97
N ARG C 148 42.21 5.16 24.22
CA ARG C 148 43.24 5.00 23.20
C ARG C 148 43.40 3.53 22.86
N VAL C 149 43.04 3.16 21.62
CA VAL C 149 43.25 1.82 21.11
C VAL C 149 44.33 1.92 20.04
N PRO C 150 45.64 1.89 20.40
CA PRO C 150 46.70 2.04 19.40
C PRO C 150 46.99 0.80 18.55
N GLU C 151 46.46 -0.35 18.95
CA GLU C 151 46.71 -1.61 18.27
C GLU C 151 45.76 -1.79 17.09
N GLU C 152 44.66 -1.04 17.08
CA GLU C 152 43.76 -0.96 15.93
C GLU C 152 44.06 0.28 15.08
N GLN C 153 45.36 0.54 14.85
CA GLN C 153 45.83 1.79 14.27
C GLN C 153 45.46 1.92 12.79
N MET C 154 45.12 3.14 12.39
CA MET C 154 44.48 3.39 11.10
C MET C 154 45.54 3.35 10.01
N THR C 155 45.43 2.38 9.10
CA THR C 155 46.23 2.36 7.88
C THR C 155 45.61 3.31 6.88
N PHE C 156 46.25 3.44 5.72
CA PHE C 156 45.73 4.25 4.64
C PHE C 156 44.49 3.57 4.05
N LYS C 157 44.58 2.24 3.89
CA LYS C 157 43.51 1.44 3.32
C LYS C 157 42.26 1.56 4.18
N ASP C 158 42.44 1.61 5.51
CA ASP C 158 41.35 1.70 6.47
C ASP C 158 40.57 3.00 6.27
N LEU C 159 41.29 4.09 6.04
CA LEU C 159 40.67 5.41 5.93
C LEU C 159 39.93 5.53 4.61
N VAL C 160 40.46 4.89 3.56
CA VAL C 160 39.86 4.93 2.23
C VAL C 160 38.62 4.03 2.24
N SER C 161 38.71 2.93 2.98
CA SER C 161 37.61 1.99 3.16
C SER C 161 36.47 2.66 3.93
N CYS C 162 36.84 3.40 4.98
CA CYS C 162 35.92 4.23 5.73
C CYS C 162 35.24 5.26 4.82
N THR C 163 36.03 5.88 3.93
CA THR C 163 35.54 6.91 3.02
C THR C 163 34.56 6.31 2.02
N TYR C 164 34.91 5.11 1.51
CA TYR C 164 34.15 4.43 0.47
C TYR C 164 32.77 4.04 1.01
N GLN C 165 32.76 3.43 2.20
CA GLN C 165 31.55 2.95 2.86
C GLN C 165 30.57 4.09 3.04
N LEU C 166 31.08 5.26 3.45
CA LEU C 166 30.27 6.44 3.68
C LEU C 166 29.78 7.03 2.36
N ALA C 167 30.56 6.85 1.29
CA ALA C 167 30.14 7.31 -0.02
C ALA C 167 29.00 6.43 -0.54
N ARG C 168 29.06 5.14 -0.19
CA ARG C 168 28.06 4.15 -0.55
C ARG C 168 26.75 4.47 0.17
N GLY C 169 26.86 4.78 1.47
CA GLY C 169 25.73 5.14 2.30
C GLY C 169 24.98 6.35 1.75
N MET C 170 25.75 7.38 1.39
CA MET C 170 25.18 8.62 0.88
C MET C 170 24.63 8.42 -0.53
N GLU C 171 25.21 7.46 -1.26
CA GLU C 171 24.72 7.15 -2.59
C GLU C 171 23.32 6.56 -2.49
N TYR C 172 23.14 5.68 -1.50
CA TYR C 172 21.84 5.08 -1.20
C TYR C 172 20.85 6.16 -0.73
N LEU C 173 21.28 6.99 0.22
CA LEU C 173 20.43 8.04 0.75
C LEU C 173 19.93 8.93 -0.38
N ALA C 174 20.86 9.38 -1.24
CA ALA C 174 20.53 10.24 -2.36
C ALA C 174 19.50 9.58 -3.28
N SER C 175 19.62 8.26 -3.46
CA SER C 175 18.73 7.52 -4.36
C SER C 175 17.38 7.27 -3.71
N GLN C 176 17.32 7.47 -2.38
CA GLN C 176 16.05 7.46 -1.68
C GLN C 176 15.50 8.88 -1.62
N LYS C 177 16.09 9.78 -2.43
CA LYS C 177 15.69 11.18 -2.53
C LYS C 177 15.61 11.79 -1.14
N CYS C 178 16.71 11.67 -0.40
CA CYS C 178 16.81 12.15 0.97
C CYS C 178 18.07 12.98 1.14
N ILE C 179 17.94 14.09 1.87
CA ILE C 179 19.05 14.99 2.17
C ILE C 179 19.32 14.99 3.66
N HIS C 180 20.54 14.59 4.05
CA HIS C 180 20.95 14.43 5.42
C HIS C 180 21.00 15.79 6.13
N ARG C 181 21.81 16.70 5.57
CA ARG C 181 21.93 18.10 5.98
C ARG C 181 22.80 18.24 7.23
N ASP C 182 23.41 17.15 7.70
CA ASP C 182 24.31 17.22 8.85
C ASP C 182 25.31 16.06 8.81
N LEU C 183 25.91 15.85 7.64
CA LEU C 183 26.90 14.80 7.46
C LEU C 183 28.20 15.24 8.15
N ALA C 184 28.61 14.46 9.16
CA ALA C 184 29.82 14.69 9.92
C ALA C 184 30.25 13.37 10.56
N ALA C 185 31.46 13.36 11.12
CA ALA C 185 32.05 12.15 11.69
C ALA C 185 31.43 11.90 13.07
N ARG C 186 30.84 12.95 13.65
CA ARG C 186 30.17 12.88 14.93
C ARG C 186 28.82 12.17 14.75
N ASN C 187 28.33 12.14 13.51
CA ASN C 187 27.02 11.58 13.18
C ASN C 187 27.17 10.28 12.39
N VAL C 188 28.37 9.68 12.48
CA VAL C 188 28.63 8.37 11.88
C VAL C 188 28.93 7.41 13.03
N LEU C 189 28.33 6.22 13.00
CA LEU C 189 28.54 5.23 14.04
C LEU C 189 29.35 4.08 13.46
N VAL C 190 30.10 3.38 14.34
CA VAL C 190 31.04 2.36 13.92
C VAL C 190 30.81 1.09 14.74
N THR C 191 30.57 -0.03 14.03
CA THR C 191 30.22 -1.29 14.65
C THR C 191 31.48 -2.10 14.97
N GLU C 192 31.28 -3.25 15.60
CA GLU C 192 32.36 -4.10 16.11
C GLU C 192 33.28 -4.53 14.98
N ASN C 193 32.72 -4.70 13.78
CA ASN C 193 33.47 -5.18 12.61
C ASN C 193 33.89 -4.00 11.74
N ASN C 194 33.88 -2.80 12.34
CA ASN C 194 34.41 -1.59 11.72
C ASN C 194 33.60 -1.20 10.49
N VAL C 195 32.28 -1.40 10.55
CA VAL C 195 31.39 -0.99 9.48
C VAL C 195 30.91 0.43 9.78
N MET C 196 31.02 1.32 8.79
CA MET C 196 30.57 2.69 8.94
C MET C 196 29.05 2.72 8.79
N LYS C 197 28.38 3.47 9.68
CA LYS C 197 26.92 3.55 9.69
C LYS C 197 26.47 4.99 9.91
N ILE C 198 25.97 5.61 8.82
CA ILE C 198 25.48 6.98 8.84
C ILE C 198 24.27 7.03 9.77
N ALA C 199 24.24 8.05 10.64
CA ALA C 199 23.19 8.19 11.63
C ALA C 199 22.80 9.65 11.81
N ASP C 200 21.96 9.91 12.83
CA ASP C 200 21.44 11.22 13.17
C ASP C 200 20.70 11.84 11.99
N PHE C 201 19.41 11.49 11.86
CA PHE C 201 18.57 11.99 10.78
C PHE C 201 17.71 13.14 11.30
N GLY C 202 18.26 13.92 12.24
CA GLY C 202 17.53 15.00 12.89
C GLY C 202 17.07 16.06 11.90
N LEU C 203 17.95 16.43 10.97
CA LEU C 203 17.69 17.51 10.03
C LEU C 203 17.43 16.94 8.64
N ALA C 204 17.33 15.60 8.54
CA ALA C 204 17.17 14.94 7.25
C ALA C 204 15.76 15.16 6.70
N ARG C 205 15.67 15.39 5.39
CA ARG C 205 14.42 15.70 4.72
C ARG C 205 14.29 14.88 3.44
N VAL C 206 13.04 14.60 3.05
CA VAL C 206 12.72 13.87 1.83
C VAL C 206 12.17 14.89 0.84
N ILE C 207 12.95 15.19 -0.21
CA ILE C 207 12.67 16.33 -1.08
C ILE C 207 11.31 16.14 -1.78
N GLY C 219 18.64 28.32 10.44
CA GLY C 219 20.05 27.89 10.42
C GLY C 219 20.39 27.02 11.63
N ARG C 220 19.91 25.77 11.60
CA ARG C 220 20.22 24.76 12.61
C ARG C 220 21.32 23.83 12.09
N LEU C 221 21.89 24.16 10.94
CA LEU C 221 22.96 23.37 10.33
C LEU C 221 24.31 23.87 10.84
N PRO C 222 25.26 22.95 11.14
CA PRO C 222 26.61 23.34 11.53
C PRO C 222 27.32 24.02 10.37
N VAL C 223 27.93 25.18 10.64
CA VAL C 223 28.38 26.08 9.59
C VAL C 223 29.52 25.43 8.81
N LYS C 224 30.44 24.77 9.52
CA LYS C 224 31.71 24.29 8.98
C LYS C 224 31.51 23.04 8.11
N TRP C 225 30.26 22.61 7.94
CA TRP C 225 29.95 21.44 7.13
C TRP C 225 28.96 21.81 6.03
N MET C 226 28.54 23.08 6.01
CA MET C 226 27.50 23.55 5.11
C MET C 226 28.11 24.08 3.81
N ALA C 227 27.51 23.66 2.69
CA ALA C 227 27.79 24.20 1.37
C ALA C 227 27.38 25.67 1.34
N PRO C 228 28.06 26.51 0.51
CA PRO C 228 27.79 27.96 0.48
C PRO C 228 26.35 28.29 0.12
N GLU C 229 25.77 27.52 -0.81
CA GLU C 229 24.40 27.76 -1.27
C GLU C 229 23.43 27.46 -0.14
N ALA C 230 23.82 26.55 0.75
CA ALA C 230 23.05 26.25 1.96
C ALA C 230 23.03 27.47 2.87
N LEU C 231 24.19 28.14 2.97
CA LEU C 231 24.38 29.22 3.91
C LEU C 231 23.85 30.55 3.35
N PHE C 232 24.06 30.79 2.05
CA PHE C 232 23.81 32.10 1.47
C PHE C 232 22.47 32.14 0.75
N ASP C 233 22.10 31.03 0.08
CA ASP C 233 20.92 30.98 -0.75
C ASP C 233 19.76 30.31 -0.01
N ARG C 234 20.07 29.59 1.07
CA ARG C 234 19.11 28.84 1.86
C ARG C 234 18.41 27.82 0.96
N VAL C 235 19.22 27.06 0.21
CA VAL C 235 18.74 25.96 -0.62
C VAL C 235 19.60 24.74 -0.32
N TYR C 236 19.00 23.55 -0.45
CA TYR C 236 19.74 22.32 -0.19
C TYR C 236 19.40 21.29 -1.27
N THR C 237 20.44 20.66 -1.80
CA THR C 237 20.35 19.60 -2.80
C THR C 237 21.21 18.43 -2.34
N HIS C 238 21.29 17.38 -3.18
CA HIS C 238 22.19 16.27 -2.94
C HIS C 238 23.65 16.72 -3.07
N GLN C 239 23.85 17.83 -3.80
CA GLN C 239 25.17 18.35 -4.10
C GLN C 239 25.70 19.13 -2.91
N SER C 240 24.81 19.47 -1.96
CA SER C 240 25.20 20.13 -0.73
C SER C 240 25.73 19.10 0.25
N ASP C 241 25.20 17.87 0.16
CA ASP C 241 25.60 16.77 1.02
C ASP C 241 26.97 16.27 0.57
N VAL C 242 27.28 16.51 -0.72
CA VAL C 242 28.57 16.21 -1.29
C VAL C 242 29.61 17.14 -0.65
N TRP C 243 29.27 18.43 -0.55
CA TRP C 243 30.13 19.40 0.09
C TRP C 243 30.50 18.93 1.49
N SER C 244 29.49 18.46 2.22
CA SER C 244 29.69 17.99 3.59
C SER C 244 30.54 16.73 3.58
N PHE C 245 30.43 15.93 2.52
CA PHE C 245 31.20 14.71 2.41
C PHE C 245 32.69 15.04 2.29
N GLY C 246 32.98 16.14 1.58
CA GLY C 246 34.32 16.68 1.45
C GLY C 246 34.91 17.02 2.81
N VAL C 247 34.08 17.62 3.67
CA VAL C 247 34.45 17.96 5.03
C VAL C 247 34.63 16.67 5.84
N LEU C 248 33.83 15.65 5.53
CA LEU C 248 33.89 14.39 6.25
C LEU C 248 35.20 13.68 5.88
N MET C 249 35.55 13.73 4.59
CA MET C 249 36.83 13.23 4.09
C MET C 249 37.97 13.88 4.87
N TRP C 250 37.91 15.20 5.02
CA TRP C 250 38.94 15.95 5.73
C TRP C 250 39.05 15.47 7.18
N GLU C 251 37.89 15.26 7.81
CA GLU C 251 37.84 14.75 9.18
C GLU C 251 38.51 13.38 9.25
N ILE C 252 38.15 12.50 8.30
CA ILE C 252 38.66 11.13 8.27
C ILE C 252 40.18 11.15 8.22
N PHE C 253 40.74 11.91 7.27
CA PHE C 253 42.16 11.86 6.94
C PHE C 253 43.01 12.67 7.91
N THR C 254 42.35 13.45 8.78
CA THR C 254 43.01 14.12 9.90
C THR C 254 42.79 13.34 11.19
N LEU C 255 42.18 12.15 11.07
CA LEU C 255 41.88 11.27 12.19
C LEU C 255 41.01 11.99 13.22
N GLY C 256 39.94 12.63 12.74
CA GLY C 256 38.93 13.24 13.59
C GLY C 256 39.30 14.67 13.99
N GLY C 257 40.02 15.36 13.10
CA GLY C 257 40.44 16.74 13.33
C GLY C 257 39.29 17.72 13.11
N SER C 258 39.39 18.88 13.76
CA SER C 258 38.37 19.92 13.70
C SER C 258 38.55 20.77 12.43
N PRO C 259 37.58 20.78 11.49
CA PRO C 259 37.72 21.51 10.23
C PRO C 259 37.91 23.01 10.43
N TYR C 260 38.64 23.62 9.47
CA TYR C 260 39.05 25.02 9.53
C TYR C 260 39.73 25.29 10.86
N PRO C 261 40.87 24.63 11.16
CA PRO C 261 41.53 24.77 12.46
C PRO C 261 42.02 26.19 12.72
N GLY C 262 41.61 26.73 13.88
CA GLY C 262 42.03 28.06 14.33
C GLY C 262 41.13 29.17 13.79
N ILE C 263 40.24 28.81 12.86
CA ILE C 263 39.31 29.76 12.27
C ILE C 263 37.98 29.68 13.02
N PRO C 264 37.54 30.78 13.68
CA PRO C 264 36.24 30.81 14.33
C PRO C 264 35.11 30.84 13.30
N VAL C 265 33.95 30.30 13.71
CA VAL C 265 32.75 30.19 12.91
C VAL C 265 32.42 31.52 12.26
N GLU C 266 32.67 32.62 13.00
CA GLU C 266 32.18 33.94 12.62
C GLU C 266 32.91 34.43 11.37
N GLU C 267 34.17 34.00 11.21
CA GLU C 267 35.02 34.54 10.15
C GLU C 267 34.92 33.66 8.90
N LEU C 268 34.21 32.53 9.00
CA LEU C 268 34.14 31.56 7.92
C LEU C 268 33.11 31.99 6.87
N PHE C 269 32.15 32.84 7.29
CA PHE C 269 31.17 33.40 6.36
C PHE C 269 31.90 34.15 5.25
N LYS C 270 32.86 34.99 5.65
CA LYS C 270 33.61 35.88 4.79
C LYS C 270 34.58 35.09 3.90
N LEU C 271 35.22 34.07 4.49
CA LEU C 271 36.31 33.36 3.86
C LEU C 271 35.81 32.45 2.73
N LEU C 272 34.61 31.88 2.89
CA LEU C 272 34.05 31.01 1.88
C LEU C 272 33.71 31.80 0.62
N LYS C 273 33.29 33.06 0.80
CA LYS C 273 32.98 33.96 -0.30
C LYS C 273 34.26 34.34 -1.03
N GLU C 274 35.35 34.49 -0.26
CA GLU C 274 36.65 34.85 -0.79
C GLU C 274 37.27 33.63 -1.48
N GLY C 275 36.81 32.43 -1.11
CA GLY C 275 37.19 31.21 -1.81
C GLY C 275 38.12 30.32 -1.00
N HIS C 276 38.16 30.54 0.32
CA HIS C 276 38.98 29.75 1.24
C HIS C 276 38.59 28.28 1.18
N ARG C 277 39.60 27.41 1.21
CA ARG C 277 39.42 25.97 1.36
C ARG C 277 40.48 25.46 2.33
N MET C 278 40.24 24.27 2.90
CA MET C 278 41.13 23.67 3.87
C MET C 278 42.35 23.10 3.16
N ASP C 279 43.51 23.18 3.82
CA ASP C 279 44.75 22.64 3.27
C ASP C 279 44.66 21.12 3.27
N LYS C 280 45.57 20.49 2.51
CA LYS C 280 45.58 19.04 2.34
C LYS C 280 46.01 18.37 3.64
N PRO C 281 45.21 17.40 4.16
CA PRO C 281 45.65 16.56 5.26
C PRO C 281 46.89 15.76 4.86
N ALA C 282 47.80 15.56 5.82
CA ALA C 282 49.08 14.94 5.55
C ALA C 282 48.94 13.42 5.42
N ASN C 283 47.79 12.87 5.78
CA ASN C 283 47.52 11.44 5.64
C ASN C 283 46.91 11.15 4.27
N CYS C 284 46.63 12.23 3.54
CA CYS C 284 45.83 12.19 2.33
C CYS C 284 46.76 12.20 1.11
N THR C 285 46.34 11.52 0.03
CA THR C 285 47.04 11.60 -1.23
C THR C 285 46.50 12.80 -2.02
N ASN C 286 47.24 13.19 -3.07
CA ASN C 286 46.85 14.26 -3.96
C ASN C 286 45.51 13.94 -4.60
N GLU C 287 45.38 12.68 -5.06
CA GLU C 287 44.21 12.20 -5.75
C GLU C 287 42.96 12.42 -4.89
N LEU C 288 43.06 12.04 -3.60
CA LEU C 288 41.94 12.08 -2.68
C LEU C 288 41.63 13.52 -2.26
N TYR C 289 42.68 14.33 -2.09
CA TYR C 289 42.49 15.73 -1.75
C TYR C 289 41.88 16.49 -2.92
N MET C 290 42.16 16.03 -4.15
CA MET C 290 41.54 16.60 -5.34
C MET C 290 40.05 16.30 -5.32
N MET C 291 39.70 15.05 -4.97
CA MET C 291 38.33 14.63 -4.78
C MET C 291 37.64 15.51 -3.73
N MET C 292 38.38 15.82 -2.66
CA MET C 292 37.94 16.73 -1.61
C MET C 292 37.62 18.09 -2.20
N ARG C 293 38.58 18.63 -2.99
CA ARG C 293 38.54 19.98 -3.53
C ARG C 293 37.43 20.09 -4.58
N ASP C 294 37.16 18.98 -5.28
CA ASP C 294 36.05 18.90 -6.22
C ASP C 294 34.73 18.98 -5.46
N CYS C 295 34.67 18.26 -4.33
CA CYS C 295 33.50 18.26 -3.46
C CYS C 295 33.26 19.68 -2.91
N TRP C 296 34.30 20.52 -2.91
CA TRP C 296 34.20 21.86 -2.36
C TRP C 296 34.08 22.90 -3.47
N HIS C 297 33.55 22.52 -4.64
CA HIS C 297 33.35 23.44 -5.73
C HIS C 297 32.19 24.39 -5.39
N ALA C 298 32.40 25.70 -5.66
CA ALA C 298 31.46 26.73 -5.31
C ALA C 298 30.12 26.51 -6.02
N VAL C 299 30.19 26.04 -7.28
CA VAL C 299 29.01 25.79 -8.08
C VAL C 299 28.57 24.33 -7.87
N PRO C 300 27.37 24.09 -7.29
CA PRO C 300 26.97 22.75 -6.86
C PRO C 300 27.00 21.66 -7.92
N SER C 301 26.61 22.03 -9.16
CA SER C 301 26.50 21.06 -10.24
C SER C 301 27.88 20.73 -10.81
N GLN C 302 28.93 21.39 -10.28
CA GLN C 302 30.30 21.12 -10.69
C GLN C 302 30.96 20.12 -9.75
N ARG C 303 30.31 19.88 -8.59
CA ARG C 303 30.74 18.85 -7.65
C ARG C 303 30.37 17.49 -8.23
N PRO C 304 31.13 16.42 -7.91
CA PRO C 304 30.74 15.07 -8.32
C PRO C 304 29.46 14.62 -7.62
N THR C 305 28.82 13.59 -8.18
CA THR C 305 27.72 12.92 -7.51
C THR C 305 28.28 11.81 -6.64
N PHE C 306 27.45 11.27 -5.74
CA PHE C 306 27.87 10.20 -4.85
C PHE C 306 28.17 8.93 -5.65
N LYS C 307 27.40 8.72 -6.72
CA LYS C 307 27.61 7.60 -7.64
C LYS C 307 29.02 7.70 -8.23
N GLN C 308 29.40 8.93 -8.62
CA GLN C 308 30.73 9.18 -9.19
C GLN C 308 31.79 8.97 -8.11
N LEU C 309 31.53 9.54 -6.93
CA LEU C 309 32.44 9.41 -5.79
C LEU C 309 32.69 7.96 -5.45
N VAL C 310 31.65 7.12 -5.55
CA VAL C 310 31.75 5.70 -5.23
C VAL C 310 32.69 5.02 -6.22
N GLU C 311 32.51 5.33 -7.50
CA GLU C 311 33.24 4.69 -8.59
C GLU C 311 34.74 4.96 -8.46
N ASP C 312 35.07 6.21 -8.08
CA ASP C 312 36.46 6.64 -7.94
C ASP C 312 37.08 5.96 -6.71
N LEU C 313 36.36 6.00 -5.59
CA LEU C 313 36.84 5.44 -4.33
C LEU C 313 36.99 3.92 -4.45
N ASP C 314 36.16 3.30 -5.30
CA ASP C 314 36.27 1.89 -5.63
C ASP C 314 37.66 1.61 -6.20
N ARG C 315 38.01 2.37 -7.26
CA ARG C 315 39.22 2.16 -8.04
C ARG C 315 40.45 2.43 -7.17
N ILE C 316 40.39 3.49 -6.36
CA ILE C 316 41.49 3.86 -5.49
C ILE C 316 41.74 2.74 -4.49
N LEU C 317 40.67 2.26 -3.86
CA LEU C 317 40.73 1.22 -2.84
C LEU C 317 41.29 -0.07 -3.44
N THR C 318 40.96 -0.34 -4.72
CA THR C 318 41.37 -1.53 -5.41
C THR C 318 42.88 -1.55 -5.63
N LEU C 319 43.48 -0.36 -5.82
CA LEU C 319 44.90 -0.25 -6.12
C LEU C 319 45.74 -0.38 -4.85
N THR C 320 45.14 -0.10 -3.68
CA THR C 320 45.82 -0.27 -2.41
C THR C 320 46.00 -1.75 -2.11
N GLU D 23 -16.62 0.35 -35.41
CA GLU D 23 -16.21 1.70 -34.94
C GLU D 23 -16.95 2.03 -33.65
N LEU D 24 -16.17 2.31 -32.60
CA LEU D 24 -16.72 2.76 -31.34
C LEU D 24 -16.22 4.18 -31.07
N PRO D 25 -17.13 5.17 -30.91
CA PRO D 25 -16.74 6.54 -30.56
C PRO D 25 -16.15 6.59 -29.15
N GLU D 26 -15.08 7.38 -29.01
CA GLU D 26 -14.30 7.51 -27.79
C GLU D 26 -15.13 8.21 -26.72
N ASP D 27 -15.07 7.68 -25.50
CA ASP D 27 -15.64 8.33 -24.33
C ASP D 27 -14.49 8.60 -23.35
N PRO D 28 -13.97 9.85 -23.32
CA PRO D 28 -12.72 10.15 -22.62
C PRO D 28 -12.75 9.86 -21.11
N LYS D 29 -13.94 9.96 -20.52
CA LYS D 29 -14.09 9.86 -19.07
C LYS D 29 -14.05 8.38 -18.64
N TRP D 30 -14.25 7.47 -19.60
CA TRP D 30 -14.31 6.05 -19.29
C TRP D 30 -13.11 5.30 -19.88
N GLU D 31 -12.53 5.86 -20.96
CA GLU D 31 -11.41 5.24 -21.66
C GLU D 31 -10.28 4.94 -20.69
N PHE D 32 -9.61 3.81 -20.89
CA PHE D 32 -8.44 3.43 -20.12
C PHE D 32 -7.34 2.94 -21.07
N PRO D 33 -6.10 3.49 -20.95
CA PRO D 33 -5.01 3.15 -21.87
C PRO D 33 -4.59 1.67 -21.78
N ARG D 34 -4.38 1.07 -22.95
CA ARG D 34 -4.08 -0.35 -23.09
C ARG D 34 -2.73 -0.70 -22.47
N ASP D 35 -1.78 0.25 -22.56
CA ASP D 35 -0.40 0.05 -22.10
C ASP D 35 -0.36 -0.10 -20.58
N LYS D 36 -1.49 0.17 -19.91
CA LYS D 36 -1.57 0.19 -18.46
C LYS D 36 -2.22 -1.11 -17.96
N LEU D 37 -2.75 -1.91 -18.89
CA LEU D 37 -3.56 -3.07 -18.59
C LEU D 37 -2.84 -4.35 -19.03
N THR D 38 -2.64 -5.28 -18.08
CA THR D 38 -2.01 -6.56 -18.37
C THR D 38 -2.99 -7.69 -18.05
N LEU D 39 -3.30 -8.49 -19.08
CA LEU D 39 -4.23 -9.61 -18.95
C LEU D 39 -3.52 -10.79 -18.29
N GLY D 40 -4.28 -11.54 -17.46
CA GLY D 40 -3.75 -12.70 -16.76
C GLY D 40 -4.50 -13.96 -17.13
N LYS D 41 -5.02 -14.67 -16.12
CA LYS D 41 -5.63 -15.98 -16.27
C LYS D 41 -7.11 -15.84 -16.58
N PRO D 42 -7.70 -16.75 -17.40
CA PRO D 42 -9.16 -16.79 -17.59
C PRO D 42 -9.87 -17.12 -16.28
N LEU D 43 -11.08 -16.57 -16.11
CA LEU D 43 -11.76 -16.61 -14.82
C LEU D 43 -12.92 -17.60 -14.83
N GLY D 44 -13.21 -18.23 -15.97
CA GLY D 44 -14.18 -19.32 -15.98
C GLY D 44 -14.95 -19.48 -17.30
N GLU D 45 -15.73 -18.46 -17.65
CA GLU D 45 -16.60 -18.47 -18.82
C GLU D 45 -17.85 -19.32 -18.54
N GLY D 46 -18.98 -18.89 -19.12
CA GLY D 46 -20.23 -19.62 -19.01
C GLY D 46 -21.36 -18.76 -18.44
N CYS D 47 -21.01 -17.88 -17.49
CA CYS D 47 -21.99 -17.09 -16.76
C CYS D 47 -21.96 -15.63 -17.19
N PHE D 48 -20.78 -15.14 -17.58
CA PHE D 48 -20.60 -13.72 -17.84
C PHE D 48 -19.85 -13.49 -19.15
N GLY D 49 -19.83 -14.51 -20.03
CA GLY D 49 -19.04 -14.48 -21.25
C GLY D 49 -17.57 -14.75 -20.95
N GLN D 50 -16.69 -14.41 -21.91
CA GLN D 50 -15.26 -14.62 -21.73
C GLN D 50 -14.68 -13.50 -20.86
N VAL D 51 -14.27 -13.87 -19.64
CA VAL D 51 -13.72 -12.91 -18.69
C VAL D 51 -12.34 -13.38 -18.24
N VAL D 52 -11.40 -12.42 -18.10
CA VAL D 52 -10.04 -12.71 -17.68
C VAL D 52 -9.66 -11.78 -16.53
N MET D 53 -8.74 -12.26 -15.68
CA MET D 53 -8.11 -11.45 -14.65
C MET D 53 -7.08 -10.53 -15.32
N ALA D 54 -6.85 -9.36 -14.70
CA ALA D 54 -5.93 -8.38 -15.25
C ALA D 54 -5.48 -7.40 -14.18
N GLU D 55 -4.39 -6.69 -14.46
CA GLU D 55 -3.86 -5.64 -13.62
C GLU D 55 -3.90 -4.33 -14.41
N ALA D 56 -4.40 -3.26 -13.77
CA ALA D 56 -4.59 -1.98 -14.41
C ALA D 56 -4.01 -0.87 -13.54
N VAL D 57 -2.94 -0.25 -14.01
CA VAL D 57 -2.23 0.76 -13.23
C VAL D 57 -2.95 2.11 -13.40
N GLY D 58 -3.44 2.63 -12.28
CA GLY D 58 -4.00 3.98 -12.21
C GLY D 58 -5.50 4.02 -12.51
N ILE D 59 -6.15 2.86 -12.55
CA ILE D 59 -7.59 2.81 -12.79
C ILE D 59 -8.32 3.26 -11.52
N LYS D 65 -1.73 5.36 -8.91
CA LYS D 65 -0.34 4.91 -9.18
C LYS D 65 -0.24 3.44 -8.83
N GLU D 66 -1.21 2.95 -8.07
CA GLU D 66 -1.23 1.56 -7.61
C GLU D 66 -1.78 0.66 -8.70
N ALA D 67 -1.31 -0.60 -8.72
CA ALA D 67 -1.71 -1.59 -9.70
C ALA D 67 -2.85 -2.43 -9.15
N VAL D 68 -4.07 -2.13 -9.58
CA VAL D 68 -5.27 -2.77 -9.05
C VAL D 68 -5.60 -4.00 -9.88
N THR D 69 -6.08 -5.04 -9.20
CA THR D 69 -6.58 -6.26 -9.82
C THR D 69 -8.02 -6.00 -10.28
N VAL D 70 -8.31 -6.37 -11.53
CA VAL D 70 -9.61 -6.13 -12.14
C VAL D 70 -10.00 -7.35 -12.95
N ALA D 71 -11.18 -7.29 -13.57
CA ALA D 71 -11.62 -8.32 -14.50
C ALA D 71 -11.95 -7.66 -15.84
N VAL D 72 -11.66 -8.37 -16.93
CA VAL D 72 -11.88 -7.83 -18.26
C VAL D 72 -12.78 -8.80 -19.04
N LYS D 73 -13.88 -8.26 -19.56
CA LYS D 73 -14.71 -8.99 -20.50
C LYS D 73 -14.32 -8.59 -21.92
N MET D 74 -14.25 -9.59 -22.80
CA MET D 74 -13.80 -9.39 -24.18
C MET D 74 -14.48 -10.45 -25.05
N LEU D 75 -14.54 -10.17 -26.36
CA LEU D 75 -15.11 -11.13 -27.30
C LEU D 75 -14.14 -12.30 -27.46
N LYS D 76 -14.70 -13.47 -27.76
CA LYS D 76 -13.93 -14.67 -28.03
C LYS D 76 -13.56 -14.68 -29.51
N ASP D 77 -12.72 -15.65 -29.90
CA ASP D 77 -12.34 -15.84 -31.29
C ASP D 77 -13.57 -16.23 -32.11
N ASP D 78 -14.54 -16.87 -31.45
CA ASP D 78 -15.71 -17.39 -32.13
C ASP D 78 -16.90 -16.44 -31.94
N ALA D 79 -16.61 -15.19 -31.56
CA ALA D 79 -17.63 -14.20 -31.28
C ALA D 79 -18.54 -13.99 -32.49
N THR D 80 -19.83 -13.74 -32.20
CA THR D 80 -20.83 -13.44 -33.21
C THR D 80 -21.01 -11.92 -33.30
N GLU D 81 -21.76 -11.48 -34.31
CA GLU D 81 -22.07 -10.08 -34.52
C GLU D 81 -22.81 -9.54 -33.29
N LYS D 82 -23.74 -10.34 -32.77
CA LYS D 82 -24.61 -9.97 -31.66
C LYS D 82 -23.79 -9.85 -30.36
N ASP D 83 -22.73 -10.65 -30.25
CA ASP D 83 -21.84 -10.62 -29.09
C ASP D 83 -21.23 -9.23 -28.96
N LEU D 84 -20.82 -8.64 -30.08
CA LEU D 84 -20.19 -7.33 -30.13
C LEU D 84 -21.17 -6.28 -29.60
N SER D 85 -22.38 -6.25 -30.19
CA SER D 85 -23.40 -5.27 -29.83
C SER D 85 -23.85 -5.45 -28.38
N ASP D 86 -23.88 -6.70 -27.91
CA ASP D 86 -24.28 -7.02 -26.54
C ASP D 86 -23.25 -6.48 -25.56
N LEU D 87 -21.96 -6.65 -25.88
CA LEU D 87 -20.88 -6.20 -25.02
C LEU D 87 -20.90 -4.69 -24.90
N VAL D 88 -21.19 -4.01 -26.02
CA VAL D 88 -21.30 -2.55 -26.06
C VAL D 88 -22.47 -2.12 -25.18
N SER D 89 -23.62 -2.79 -25.37
CA SER D 89 -24.85 -2.47 -24.66
C SER D 89 -24.72 -2.69 -23.15
N GLU D 90 -23.96 -3.72 -22.75
CA GLU D 90 -23.77 -4.01 -21.34
C GLU D 90 -22.93 -2.91 -20.71
N MET D 91 -21.93 -2.44 -21.47
CA MET D 91 -21.05 -1.35 -21.06
C MET D 91 -21.85 -0.07 -20.83
N GLU D 92 -22.66 0.31 -21.82
CA GLU D 92 -23.45 1.53 -21.77
C GLU D 92 -24.53 1.41 -20.67
N MET D 93 -25.04 0.20 -20.49
CA MET D 93 -26.01 -0.09 -19.44
C MET D 93 -25.36 0.12 -18.08
N MET D 94 -24.12 -0.35 -17.95
CA MET D 94 -23.34 -0.20 -16.72
C MET D 94 -23.06 1.28 -16.46
N LYS D 95 -22.80 2.03 -17.54
CA LYS D 95 -22.51 3.45 -17.45
C LYS D 95 -23.71 4.20 -16.87
N MET D 96 -24.91 3.83 -17.31
CA MET D 96 -26.11 4.59 -17.02
C MET D 96 -26.75 4.15 -15.70
N ILE D 97 -26.43 2.94 -15.23
CA ILE D 97 -26.98 2.42 -13.99
C ILE D 97 -26.42 3.17 -12.78
N GLY D 98 -25.11 3.46 -12.83
CA GLY D 98 -24.45 4.16 -11.74
C GLY D 98 -23.86 3.19 -10.72
N LYS D 99 -23.20 3.76 -9.71
CA LYS D 99 -22.41 3.01 -8.74
C LYS D 99 -23.26 2.69 -7.52
N HIS D 100 -23.18 1.42 -7.08
CA HIS D 100 -23.79 0.94 -5.86
C HIS D 100 -22.96 -0.22 -5.30
N LYS D 101 -23.02 -0.39 -3.98
CA LYS D 101 -22.19 -1.34 -3.25
C LYS D 101 -22.54 -2.77 -3.62
N ASN D 102 -23.75 -3.01 -4.13
CA ASN D 102 -24.20 -4.37 -4.39
C ASN D 102 -24.45 -4.56 -5.88
N ILE D 103 -23.85 -3.68 -6.68
CA ILE D 103 -23.87 -3.76 -8.12
C ILE D 103 -22.41 -3.73 -8.60
N ILE D 104 -22.07 -4.61 -9.55
CA ILE D 104 -20.72 -4.71 -10.07
C ILE D 104 -20.39 -3.43 -10.84
N ASP D 105 -19.26 -2.81 -10.49
CA ASP D 105 -18.90 -1.49 -10.98
C ASP D 105 -18.14 -1.58 -12.30
N LEU D 106 -18.43 -0.64 -13.21
CA LEU D 106 -17.61 -0.39 -14.38
C LEU D 106 -16.43 0.48 -13.97
N LEU D 107 -15.22 -0.01 -14.23
CA LEU D 107 -14.02 0.74 -13.87
C LEU D 107 -13.51 1.51 -15.09
N GLY D 108 -13.52 0.88 -16.25
CA GLY D 108 -13.13 1.53 -17.49
C GLY D 108 -13.32 0.64 -18.72
N ALA D 109 -12.71 1.05 -19.84
CA ALA D 109 -12.85 0.35 -21.11
C ALA D 109 -11.73 0.73 -22.08
N CYS D 110 -11.43 -0.21 -22.98
CA CYS D 110 -10.53 0.02 -24.10
C CYS D 110 -11.31 -0.14 -25.40
N THR D 111 -11.47 0.96 -26.14
CA THR D 111 -12.41 1.00 -27.25
C THR D 111 -11.74 1.39 -28.57
N GLN D 112 -10.45 1.74 -28.54
CA GLN D 112 -9.77 2.18 -29.75
C GLN D 112 -8.54 1.32 -30.01
N ASP D 113 -8.15 1.25 -31.30
CA ASP D 113 -6.96 0.58 -31.78
C ASP D 113 -6.73 -0.75 -31.06
N GLY D 114 -7.64 -1.71 -31.32
CA GLY D 114 -7.49 -3.06 -30.78
C GLY D 114 -8.81 -3.62 -30.26
N PRO D 115 -8.78 -4.84 -29.68
CA PRO D 115 -10.02 -5.50 -29.24
C PRO D 115 -10.72 -4.73 -28.12
N LEU D 116 -12.05 -4.86 -28.09
CA LEU D 116 -12.88 -4.17 -27.11
C LEU D 116 -12.72 -4.84 -25.75
N TYR D 117 -12.21 -4.07 -24.78
CA TYR D 117 -12.08 -4.52 -23.40
C TYR D 117 -12.97 -3.68 -22.50
N VAL D 118 -13.87 -4.35 -21.77
CA VAL D 118 -14.67 -3.73 -20.73
C VAL D 118 -14.09 -4.16 -19.38
N ILE D 119 -13.66 -3.18 -18.57
CA ILE D 119 -13.01 -3.46 -17.31
C ILE D 119 -14.00 -3.28 -16.17
N VAL D 120 -14.08 -4.28 -15.30
CA VAL D 120 -15.03 -4.30 -14.19
C VAL D 120 -14.31 -4.66 -12.89
N GLU D 121 -15.01 -4.42 -11.78
CA GLU D 121 -14.59 -4.78 -10.44
C GLU D 121 -14.25 -6.27 -10.39
N TYR D 122 -13.17 -6.60 -9.66
CA TYR D 122 -12.79 -7.99 -9.46
C TYR D 122 -13.53 -8.54 -8.23
N ALA D 123 -14.03 -9.77 -8.37
CA ALA D 123 -14.70 -10.50 -7.30
C ALA D 123 -14.02 -11.85 -7.11
N SER D 124 -13.18 -11.95 -6.08
CA SER D 124 -12.22 -13.03 -5.95
C SER D 124 -12.89 -14.37 -5.64
N LYS D 125 -14.11 -14.33 -5.12
CA LYS D 125 -14.78 -15.52 -4.62
C LYS D 125 -15.82 -16.05 -5.61
N GLY D 126 -15.82 -15.50 -6.83
CA GLY D 126 -16.61 -16.04 -7.92
C GLY D 126 -18.09 -15.66 -7.83
N ASN D 127 -18.95 -16.46 -8.45
CA ASN D 127 -20.38 -16.23 -8.44
C ASN D 127 -20.98 -16.82 -7.16
N LEU D 128 -22.23 -16.42 -6.86
CA LEU D 128 -22.88 -16.77 -5.60
C LEU D 128 -23.14 -18.28 -5.52
N ARG D 129 -23.57 -18.86 -6.66
CA ARG D 129 -23.88 -20.29 -6.72
C ARG D 129 -22.70 -21.10 -6.21
N GLU D 130 -21.52 -20.90 -6.84
CA GLU D 130 -20.30 -21.64 -6.54
C GLU D 130 -19.81 -21.30 -5.13
N TYR D 131 -20.02 -20.04 -4.71
CA TYR D 131 -19.61 -19.55 -3.40
C TYR D 131 -20.35 -20.32 -2.31
N LEU D 132 -21.68 -20.45 -2.48
CA LEU D 132 -22.53 -21.15 -1.53
C LEU D 132 -22.23 -22.65 -1.59
N ARG D 133 -22.04 -23.19 -2.80
CA ARG D 133 -21.87 -24.62 -3.00
C ARG D 133 -20.56 -25.11 -2.36
N ALA D 134 -19.56 -24.22 -2.31
CA ALA D 134 -18.27 -24.55 -1.72
C ALA D 134 -18.36 -24.49 -0.20
N ARG D 135 -19.42 -23.85 0.32
CA ARG D 135 -19.60 -23.65 1.75
C ARG D 135 -20.73 -24.53 2.28
N ARG D 136 -21.14 -25.52 1.47
CA ARG D 136 -22.21 -26.45 1.83
C ARG D 136 -21.80 -27.35 3.00
N ARG D 148 -13.91 -26.24 -2.43
CA ARG D 148 -14.59 -26.39 -1.11
C ARG D 148 -13.84 -25.53 -0.09
N VAL D 149 -14.49 -24.45 0.36
CA VAL D 149 -13.96 -23.60 1.41
C VAL D 149 -14.85 -23.78 2.63
N PRO D 150 -14.64 -24.84 3.46
CA PRO D 150 -15.53 -25.09 4.60
C PRO D 150 -15.31 -24.17 5.81
N GLU D 151 -14.18 -23.46 5.84
CA GLU D 151 -13.79 -22.64 6.98
C GLU D 151 -14.47 -21.28 6.94
N GLU D 152 -14.96 -20.89 5.76
CA GLU D 152 -15.77 -19.69 5.60
C GLU D 152 -17.26 -20.07 5.56
N GLN D 153 -17.69 -20.75 6.64
CA GLN D 153 -18.98 -21.42 6.72
C GLN D 153 -20.14 -20.44 6.74
N MET D 154 -21.23 -20.82 6.05
CA MET D 154 -22.42 -20.00 5.99
C MET D 154 -23.21 -20.16 7.28
N THR D 155 -23.28 -19.11 8.09
CA THR D 155 -24.20 -19.05 9.22
C THR D 155 -25.57 -18.63 8.69
N PHE D 156 -26.55 -18.52 9.57
CA PHE D 156 -27.88 -18.04 9.19
C PHE D 156 -27.79 -16.54 8.92
N LYS D 157 -27.03 -15.82 9.75
CA LYS D 157 -26.87 -14.38 9.63
C LYS D 157 -26.24 -14.05 8.28
N ASP D 158 -25.28 -14.88 7.84
CA ASP D 158 -24.57 -14.69 6.57
C ASP D 158 -25.54 -14.77 5.40
N LEU D 159 -26.48 -15.71 5.44
CA LEU D 159 -27.40 -15.93 4.33
C LEU D 159 -28.43 -14.80 4.27
N VAL D 160 -28.81 -14.28 5.44
CA VAL D 160 -29.78 -13.19 5.52
C VAL D 160 -29.10 -11.90 5.09
N SER D 161 -27.81 -11.76 5.43
CA SER D 161 -27.00 -10.62 5.03
C SER D 161 -26.80 -10.62 3.52
N CYS D 162 -26.54 -11.81 2.97
CA CYS D 162 -26.47 -12.03 1.53
C CYS D 162 -27.79 -11.64 0.87
N THR D 163 -28.92 -12.01 1.50
CA THR D 163 -30.24 -11.76 0.96
C THR D 163 -30.53 -10.26 0.97
N TYR D 164 -30.13 -9.59 2.07
CA TYR D 164 -30.40 -8.18 2.29
C TYR D 164 -29.65 -7.34 1.27
N GLN D 165 -28.36 -7.65 1.09
CA GLN D 165 -27.48 -6.93 0.17
C GLN D 165 -28.05 -6.98 -1.24
N LEU D 166 -28.56 -8.14 -1.64
CA LEU D 166 -29.13 -8.35 -2.96
C LEU D 166 -30.47 -7.63 -3.08
N ALA D 167 -31.19 -7.48 -1.96
CA ALA D 167 -32.44 -6.75 -1.97
C ALA D 167 -32.17 -5.26 -2.13
N ARG D 168 -31.04 -4.81 -1.55
CA ARG D 168 -30.60 -3.43 -1.62
C ARG D 168 -30.20 -3.11 -3.05
N GLY D 169 -29.45 -4.03 -3.67
CA GLY D 169 -29.00 -3.88 -5.05
C GLY D 169 -30.17 -3.72 -6.01
N MET D 170 -31.18 -4.58 -5.84
CA MET D 170 -32.35 -4.58 -6.71
C MET D 170 -33.23 -3.36 -6.41
N GLU D 171 -33.16 -2.86 -5.18
CA GLU D 171 -33.91 -1.67 -4.80
C GLU D 171 -33.34 -0.48 -5.57
N TYR D 172 -32.01 -0.42 -5.65
CA TYR D 172 -31.31 0.61 -6.40
C TYR D 172 -31.62 0.47 -7.89
N LEU D 173 -31.51 -0.75 -8.43
CA LEU D 173 -31.78 -1.00 -9.84
C LEU D 173 -33.19 -0.53 -10.19
N ALA D 174 -34.18 -0.93 -9.38
CA ALA D 174 -35.57 -0.57 -9.61
C ALA D 174 -35.74 0.94 -9.63
N SER D 175 -34.99 1.65 -8.77
CA SER D 175 -35.10 3.09 -8.65
C SER D 175 -34.36 3.79 -9.80
N GLN D 176 -33.52 3.04 -10.50
CA GLN D 176 -32.91 3.53 -11.73
C GLN D 176 -33.80 3.12 -12.90
N LYS D 177 -35.03 2.69 -12.60
CA LYS D 177 -36.02 2.28 -13.59
C LYS D 177 -35.40 1.28 -14.56
N CYS D 178 -34.83 0.20 -13.99
CA CYS D 178 -34.13 -0.82 -14.76
C CYS D 178 -34.63 -2.21 -14.35
N ILE D 179 -34.81 -3.08 -15.35
CA ILE D 179 -35.25 -4.45 -15.13
C ILE D 179 -34.16 -5.42 -15.57
N HIS D 180 -33.68 -6.24 -14.61
CA HIS D 180 -32.59 -7.17 -14.83
C HIS D 180 -32.99 -8.28 -15.80
N ARG D 181 -34.07 -9.00 -15.45
CA ARG D 181 -34.71 -10.02 -16.27
C ARG D 181 -33.93 -11.33 -16.25
N ASP D 182 -32.89 -11.43 -15.42
CA ASP D 182 -32.15 -12.69 -15.27
C ASP D 182 -31.46 -12.73 -13.91
N LEU D 183 -32.22 -12.39 -12.86
CA LEU D 183 -31.71 -12.42 -11.50
C LEU D 183 -31.56 -13.87 -11.06
N ALA D 184 -30.32 -14.27 -10.77
CA ALA D 184 -29.99 -15.61 -10.30
C ALA D 184 -28.66 -15.56 -9.55
N ALA D 185 -28.32 -16.67 -8.88
CA ALA D 185 -27.12 -16.75 -8.06
C ALA D 185 -25.90 -16.93 -8.96
N ARG D 186 -26.15 -17.38 -10.20
CA ARG D 186 -25.10 -17.56 -11.19
C ARG D 186 -24.68 -16.20 -11.74
N ASN D 187 -25.54 -15.20 -11.56
CA ASN D 187 -25.34 -13.86 -12.09
C ASN D 187 -25.06 -12.87 -10.96
N VAL D 188 -24.66 -13.40 -9.79
CA VAL D 188 -24.25 -12.60 -8.66
C VAL D 188 -22.77 -12.90 -8.40
N LEU D 189 -21.96 -11.86 -8.21
CA LEU D 189 -20.54 -12.03 -7.93
C LEU D 189 -20.26 -11.68 -6.48
N VAL D 190 -19.18 -12.26 -5.94
CA VAL D 190 -18.86 -12.14 -4.53
C VAL D 190 -17.39 -11.74 -4.37
N THR D 191 -17.15 -10.64 -3.67
CA THR D 191 -15.82 -10.07 -3.50
C THR D 191 -15.12 -10.67 -2.29
N GLU D 192 -13.87 -10.26 -2.08
CA GLU D 192 -12.98 -10.80 -1.07
C GLU D 192 -13.58 -10.60 0.32
N ASN D 193 -14.34 -9.51 0.49
CA ASN D 193 -14.92 -9.15 1.78
C ASN D 193 -16.37 -9.60 1.84
N ASN D 194 -16.74 -10.53 0.96
CA ASN D 194 -18.04 -11.20 0.95
C ASN D 194 -19.17 -10.20 0.68
N VAL D 195 -18.91 -9.23 -0.21
CA VAL D 195 -19.92 -8.29 -0.63
C VAL D 195 -20.61 -8.86 -1.86
N MET D 196 -21.95 -8.88 -1.84
CA MET D 196 -22.74 -9.36 -2.96
C MET D 196 -22.77 -8.28 -4.04
N LYS D 197 -22.58 -8.71 -5.30
CA LYS D 197 -22.53 -7.78 -6.43
C LYS D 197 -23.32 -8.34 -7.61
N ILE D 198 -24.49 -7.75 -7.86
CA ILE D 198 -25.37 -8.12 -8.96
C ILE D 198 -24.64 -7.84 -10.27
N ALA D 199 -24.67 -8.81 -11.20
CA ALA D 199 -23.95 -8.69 -12.46
C ALA D 199 -24.77 -9.28 -13.61
N ASP D 200 -24.13 -9.36 -14.79
CA ASP D 200 -24.71 -9.90 -16.02
C ASP D 200 -25.96 -9.08 -16.40
N PHE D 201 -25.74 -7.98 -17.11
CA PHE D 201 -26.83 -7.10 -17.54
C PHE D 201 -27.17 -7.38 -19.00
N GLY D 202 -27.03 -8.65 -19.40
CA GLY D 202 -27.23 -9.06 -20.78
C GLY D 202 -28.65 -8.78 -21.28
N LEU D 203 -29.64 -9.07 -20.43
CA LEU D 203 -31.04 -8.97 -20.78
C LEU D 203 -31.68 -7.78 -20.09
N ALA D 204 -30.85 -6.97 -19.41
CA ALA D 204 -31.34 -5.84 -18.63
C ALA D 204 -31.80 -4.71 -19.56
N ARG D 205 -32.92 -4.07 -19.18
CA ARG D 205 -33.54 -3.03 -19.99
C ARG D 205 -33.92 -1.85 -19.10
N VAL D 206 -33.94 -0.64 -19.70
CA VAL D 206 -34.38 0.58 -19.03
C VAL D 206 -35.76 0.93 -19.58
N ILE D 207 -36.79 0.79 -18.72
CA ILE D 207 -38.18 0.83 -19.18
C ILE D 207 -38.49 2.20 -19.81
N GLY D 219 -37.99 -15.52 -26.03
CA GLY D 219 -37.82 -16.31 -24.78
C GLY D 219 -36.36 -16.66 -24.53
N ARG D 220 -35.55 -15.66 -24.18
CA ARG D 220 -34.15 -15.84 -23.84
C ARG D 220 -33.97 -15.83 -22.32
N LEU D 221 -35.10 -15.80 -21.60
CA LEU D 221 -35.08 -15.77 -20.14
C LEU D 221 -35.13 -17.19 -19.61
N PRO D 222 -34.36 -17.52 -18.55
CA PRO D 222 -34.43 -18.83 -17.91
C PRO D 222 -35.79 -19.04 -17.26
N VAL D 223 -36.41 -20.20 -17.55
CA VAL D 223 -37.81 -20.41 -17.23
C VAL D 223 -38.02 -20.43 -15.72
N LYS D 224 -37.10 -21.07 -14.99
CA LYS D 224 -37.26 -21.37 -13.58
C LYS D 224 -37.04 -20.13 -12.70
N TRP D 225 -36.81 -18.98 -13.33
CA TRP D 225 -36.59 -17.73 -12.61
C TRP D 225 -37.61 -16.68 -13.08
N MET D 226 -38.45 -17.06 -14.04
CA MET D 226 -39.36 -16.13 -14.69
C MET D 226 -40.72 -16.13 -13.98
N ALA D 227 -41.23 -14.92 -13.74
CA ALA D 227 -42.59 -14.70 -13.27
C ALA D 227 -43.58 -15.18 -14.33
N PRO D 228 -44.78 -15.62 -13.94
CA PRO D 228 -45.76 -16.17 -14.89
C PRO D 228 -46.15 -15.20 -16.00
N GLU D 229 -46.29 -13.91 -15.63
CA GLU D 229 -46.68 -12.89 -16.58
C GLU D 229 -45.58 -12.68 -17.61
N ALA D 230 -44.33 -12.93 -17.20
CA ALA D 230 -43.20 -12.90 -18.10
C ALA D 230 -43.32 -14.01 -19.14
N LEU D 231 -43.79 -15.19 -18.68
CA LEU D 231 -43.82 -16.39 -19.51
C LEU D 231 -45.08 -16.43 -20.37
N PHE D 232 -46.22 -15.99 -19.81
CA PHE D 232 -47.51 -16.20 -20.45
C PHE D 232 -47.97 -14.94 -21.19
N ASP D 233 -47.70 -13.77 -20.59
CA ASP D 233 -48.20 -12.50 -21.11
C ASP D 233 -47.12 -11.77 -21.90
N ARG D 234 -45.87 -12.19 -21.72
CA ARG D 234 -44.69 -11.58 -22.34
C ARG D 234 -44.64 -10.09 -21.95
N VAL D 235 -44.76 -9.84 -20.64
CA VAL D 235 -44.63 -8.51 -20.07
C VAL D 235 -43.65 -8.59 -18.90
N TYR D 236 -42.92 -7.50 -18.66
CA TYR D 236 -41.96 -7.48 -17.56
C TYR D 236 -42.05 -6.15 -16.81
N THR D 237 -42.09 -6.25 -15.47
CA THR D 237 -42.12 -5.11 -14.58
C THR D 237 -41.04 -5.30 -13.50
N HIS D 238 -40.97 -4.38 -12.55
CA HIS D 238 -40.10 -4.52 -11.39
C HIS D 238 -40.58 -5.67 -10.51
N GLN D 239 -41.88 -5.99 -10.63
CA GLN D 239 -42.53 -6.99 -9.80
C GLN D 239 -42.21 -8.39 -10.32
N SER D 240 -41.69 -8.46 -11.55
CA SER D 240 -41.24 -9.71 -12.13
C SER D 240 -39.85 -10.06 -11.59
N ASP D 241 -39.07 -9.01 -11.31
CA ASP D 241 -37.71 -9.18 -10.79
C ASP D 241 -37.80 -9.58 -9.32
N VAL D 242 -38.93 -9.23 -8.69
CA VAL D 242 -39.25 -9.65 -7.33
C VAL D 242 -39.45 -11.16 -7.33
N TRP D 243 -40.23 -11.66 -8.29
CA TRP D 243 -40.47 -13.08 -8.45
C TRP D 243 -39.12 -13.82 -8.51
N SER D 244 -38.20 -13.29 -9.31
CA SER D 244 -36.90 -13.89 -9.49
C SER D 244 -36.11 -13.81 -8.18
N PHE D 245 -36.36 -12.75 -7.39
CA PHE D 245 -35.67 -12.57 -6.13
C PHE D 245 -36.07 -13.68 -5.16
N GLY D 246 -37.36 -14.07 -5.23
CA GLY D 246 -37.89 -15.19 -4.48
C GLY D 246 -37.16 -16.49 -4.79
N VAL D 247 -36.86 -16.69 -6.08
CA VAL D 247 -36.11 -17.83 -6.56
C VAL D 247 -34.66 -17.70 -6.08
N LEU D 248 -34.15 -16.47 -6.00
CA LEU D 248 -32.78 -16.24 -5.58
C LEU D 248 -32.66 -16.55 -4.09
N MET D 249 -33.67 -16.13 -3.32
CA MET D 249 -33.79 -16.47 -1.90
C MET D 249 -33.71 -17.98 -1.72
N TRP D 250 -34.49 -18.71 -2.53
CA TRP D 250 -34.53 -20.15 -2.47
C TRP D 250 -33.15 -20.74 -2.74
N GLU D 251 -32.46 -20.20 -3.74
CA GLU D 251 -31.10 -20.62 -4.07
C GLU D 251 -30.17 -20.39 -2.89
N ILE D 252 -30.26 -19.20 -2.29
CA ILE D 252 -29.40 -18.81 -1.18
C ILE D 252 -29.54 -19.82 -0.04
N PHE D 253 -30.80 -20.08 0.36
CA PHE D 253 -31.10 -20.82 1.58
C PHE D 253 -30.98 -22.33 1.36
N THR D 254 -30.81 -22.76 0.10
CA THR D 254 -30.49 -24.14 -0.22
C THR D 254 -29.00 -24.28 -0.51
N LEU D 255 -28.25 -23.20 -0.28
CA LEU D 255 -26.81 -23.13 -0.51
C LEU D 255 -26.49 -23.47 -1.96
N GLY D 256 -27.20 -22.83 -2.89
CA GLY D 256 -26.93 -22.94 -4.31
C GLY D 256 -27.61 -24.13 -4.95
N GLY D 257 -28.78 -24.49 -4.42
CA GLY D 257 -29.57 -25.61 -4.93
C GLY D 257 -30.31 -25.23 -6.21
N SER D 258 -30.60 -26.25 -7.03
CA SER D 258 -31.28 -26.07 -8.31
C SER D 258 -32.79 -25.96 -8.09
N PRO D 259 -33.43 -24.82 -8.43
CA PRO D 259 -34.85 -24.62 -8.19
C PRO D 259 -35.73 -25.63 -8.92
N TYR D 260 -36.89 -25.93 -8.31
CA TYR D 260 -37.80 -26.96 -8.77
C TYR D 260 -37.04 -28.28 -8.95
N PRO D 261 -36.46 -28.85 -7.87
CA PRO D 261 -35.62 -30.04 -7.96
C PRO D 261 -36.38 -31.27 -8.47
N GLY D 262 -35.84 -31.89 -9.53
CA GLY D 262 -36.40 -33.09 -10.10
C GLY D 262 -37.48 -32.81 -11.15
N ILE D 263 -37.88 -31.53 -11.25
CA ILE D 263 -38.90 -31.10 -12.19
C ILE D 263 -38.21 -30.56 -13.44
N PRO D 264 -38.41 -31.19 -14.62
CA PRO D 264 -37.87 -30.66 -15.87
C PRO D 264 -38.59 -29.38 -16.30
N VAL D 265 -37.85 -28.54 -17.03
CA VAL D 265 -38.30 -27.25 -17.53
C VAL D 265 -39.66 -27.39 -18.22
N GLU D 266 -39.85 -28.52 -18.92
CA GLU D 266 -40.99 -28.68 -19.81
C GLU D 266 -42.29 -28.77 -19.01
N GLU D 267 -42.22 -29.30 -17.79
CA GLU D 267 -43.41 -29.58 -17.00
C GLU D 267 -43.74 -28.40 -16.10
N LEU D 268 -42.87 -27.37 -16.08
CA LEU D 268 -43.03 -26.24 -15.18
C LEU D 268 -44.04 -25.23 -15.75
N PHE D 269 -44.23 -25.27 -17.07
CA PHE D 269 -45.23 -24.42 -17.73
C PHE D 269 -46.61 -24.70 -17.12
N LYS D 270 -46.91 -26.01 -17.00
CA LYS D 270 -48.21 -26.52 -16.56
C LYS D 270 -48.40 -26.28 -15.06
N LEU D 271 -47.32 -26.48 -14.29
CA LEU D 271 -47.38 -26.50 -12.84
C LEU D 271 -47.60 -25.10 -12.27
N LEU D 272 -47.04 -24.09 -12.94
CA LEU D 272 -47.17 -22.72 -12.48
C LEU D 272 -48.61 -22.25 -12.63
N LYS D 273 -49.29 -22.72 -13.68
CA LYS D 273 -50.69 -22.41 -13.93
C LYS D 273 -51.57 -23.10 -12.88
N GLU D 274 -51.16 -24.30 -12.47
CA GLU D 274 -51.88 -25.08 -11.48
C GLU D 274 -51.63 -24.50 -10.10
N GLY D 275 -50.54 -23.75 -9.95
CA GLY D 275 -50.29 -22.99 -8.74
C GLY D 275 -49.15 -23.57 -7.89
N HIS D 276 -48.30 -24.40 -8.53
CA HIS D 276 -47.18 -25.03 -7.86
C HIS D 276 -46.20 -23.97 -7.35
N ARG D 277 -45.67 -24.20 -6.14
CA ARG D 277 -44.58 -23.42 -5.59
C ARG D 277 -43.56 -24.37 -4.96
N MET D 278 -42.32 -23.88 -4.77
CA MET D 278 -41.25 -24.67 -4.19
C MET D 278 -41.46 -24.79 -2.70
N ASP D 279 -41.09 -25.96 -2.14
CA ASP D 279 -41.21 -26.22 -0.72
C ASP D 279 -40.20 -25.36 0.03
N LYS D 280 -40.39 -25.24 1.34
CA LYS D 280 -39.55 -24.39 2.18
C LYS D 280 -38.17 -25.02 2.32
N PRO D 281 -37.09 -24.25 2.01
CA PRO D 281 -35.73 -24.68 2.32
C PRO D 281 -35.57 -24.89 3.82
N ALA D 282 -34.77 -25.91 4.19
CA ALA D 282 -34.66 -26.31 5.57
C ALA D 282 -33.75 -25.37 6.36
N ASN D 283 -33.01 -24.50 5.65
CA ASN D 283 -32.15 -23.52 6.28
C ASN D 283 -32.91 -22.23 6.53
N CYS D 284 -34.16 -22.20 6.07
CA CYS D 284 -34.97 -20.99 6.00
C CYS D 284 -35.93 -20.96 7.19
N THR D 285 -36.25 -19.76 7.69
CA THR D 285 -37.29 -19.61 8.70
C THR D 285 -38.64 -19.45 8.00
N ASN D 286 -39.73 -19.60 8.78
CA ASN D 286 -41.08 -19.43 8.29
C ASN D 286 -41.25 -18.01 7.74
N GLU D 287 -40.73 -17.03 8.51
CA GLU D 287 -40.84 -15.63 8.18
C GLU D 287 -40.28 -15.36 6.78
N LEU D 288 -39.09 -15.92 6.52
CA LEU D 288 -38.36 -15.68 5.28
C LEU D 288 -39.00 -16.44 4.12
N TYR D 289 -39.49 -17.65 4.40
CA TYR D 289 -40.17 -18.43 3.38
C TYR D 289 -41.52 -17.80 3.03
N MET D 290 -42.13 -17.11 3.99
CA MET D 290 -43.36 -16.36 3.73
C MET D 290 -43.06 -15.23 2.76
N MET D 291 -41.95 -14.53 3.02
CA MET D 291 -41.45 -13.48 2.14
C MET D 291 -41.22 -14.05 0.74
N MET D 292 -40.67 -15.27 0.67
CA MET D 292 -40.47 -16.00 -0.58
C MET D 292 -41.80 -16.20 -1.28
N ARG D 293 -42.80 -16.70 -0.53
CA ARG D 293 -44.09 -17.10 -1.06
C ARG D 293 -44.88 -15.86 -1.50
N ASP D 294 -44.65 -14.73 -0.82
CA ASP D 294 -45.22 -13.46 -1.22
C ASP D 294 -44.61 -13.01 -2.55
N CYS D 295 -43.29 -13.18 -2.67
CA CYS D 295 -42.56 -12.87 -3.89
C CYS D 295 -43.07 -13.74 -5.05
N TRP D 296 -43.71 -14.87 -4.73
CA TRP D 296 -44.19 -15.79 -5.75
C TRP D 296 -45.70 -15.67 -5.94
N HIS D 297 -46.26 -14.50 -5.65
CA HIS D 297 -47.69 -14.27 -5.85
C HIS D 297 -47.99 -14.16 -7.34
N ALA D 298 -49.06 -14.84 -7.78
CA ALA D 298 -49.43 -14.92 -9.19
C ALA D 298 -49.72 -13.53 -9.75
N VAL D 299 -50.34 -12.67 -8.94
CA VAL D 299 -50.68 -11.32 -9.33
C VAL D 299 -49.54 -10.38 -8.95
N PRO D 300 -48.86 -9.75 -9.95
CA PRO D 300 -47.62 -9.02 -9.71
C PRO D 300 -47.70 -7.90 -8.66
N SER D 301 -48.82 -7.18 -8.63
CA SER D 301 -48.98 -6.05 -7.74
C SER D 301 -49.27 -6.50 -6.31
N GLN D 302 -49.39 -7.82 -6.12
CA GLN D 302 -49.60 -8.39 -4.80
C GLN D 302 -48.27 -8.81 -4.17
N ARG D 303 -47.21 -8.86 -4.98
CA ARG D 303 -45.86 -9.10 -4.51
C ARG D 303 -45.35 -7.84 -3.81
N PRO D 304 -44.45 -7.97 -2.81
CA PRO D 304 -43.82 -6.79 -2.21
C PRO D 304 -42.93 -6.06 -3.20
N THR D 305 -42.60 -4.80 -2.88
CA THR D 305 -41.59 -4.06 -3.62
C THR D 305 -40.24 -4.34 -2.97
N PHE D 306 -39.16 -3.98 -3.67
CA PHE D 306 -37.81 -4.18 -3.16
C PHE D 306 -37.57 -3.30 -1.94
N LYS D 307 -38.15 -2.08 -1.95
CA LYS D 307 -38.09 -1.18 -0.82
C LYS D 307 -38.69 -1.85 0.42
N GLN D 308 -39.84 -2.53 0.22
CA GLN D 308 -40.51 -3.24 1.29
C GLN D 308 -39.65 -4.42 1.75
N LEU D 309 -39.13 -5.17 0.77
CA LEU D 309 -38.28 -6.33 1.03
C LEU D 309 -37.06 -5.92 1.86
N VAL D 310 -36.51 -4.73 1.56
CA VAL D 310 -35.32 -4.24 2.26
C VAL D 310 -35.67 -3.99 3.72
N GLU D 311 -36.81 -3.34 3.97
CA GLU D 311 -37.21 -2.91 5.30
C GLU D 311 -37.41 -4.12 6.20
N ASP D 312 -38.00 -5.19 5.65
CA ASP D 312 -38.26 -6.41 6.38
C ASP D 312 -36.95 -7.13 6.70
N LEU D 313 -36.10 -7.28 5.67
CA LEU D 313 -34.82 -7.97 5.81
C LEU D 313 -33.91 -7.21 6.76
N ASP D 314 -34.05 -5.88 6.82
CA ASP D 314 -33.35 -5.06 7.79
C ASP D 314 -33.69 -5.53 9.20
N ARG D 315 -34.99 -5.59 9.50
CA ARG D 315 -35.50 -5.88 10.83
C ARG D 315 -35.12 -7.30 11.24
N ILE D 316 -35.23 -8.25 10.30
CA ILE D 316 -34.92 -9.64 10.56
C ILE D 316 -33.44 -9.77 10.92
N LEU D 317 -32.58 -9.12 10.11
CA LEU D 317 -31.13 -9.17 10.29
C LEU D 317 -30.74 -8.56 11.63
N THR D 318 -31.49 -7.52 12.05
CA THR D 318 -31.22 -6.80 13.29
C THR D 318 -31.47 -7.70 14.50
N LEU D 319 -32.44 -8.62 14.38
CA LEU D 319 -32.82 -9.46 15.51
C LEU D 319 -31.86 -10.63 15.66
N THR D 320 -31.14 -10.99 14.59
CA THR D 320 -30.15 -12.05 14.63
C THR D 320 -28.93 -11.57 15.44
C0N TZ0 E . -26.49 20.37 8.37
O01 TZ0 E . -25.52 19.69 9.17
C0E TZ0 E . -24.27 19.77 8.66
C0O TZ0 E . -23.18 19.47 9.46
C0C TZ0 E . -24.08 20.17 7.32
C0D TZ0 E . -22.78 20.28 6.77
O02 TZ0 E . -22.55 20.66 5.48
C0U TZ0 E . -23.70 20.86 4.66
C0R TZ0 E . -21.70 19.98 7.59
C0J TZ0 E . -21.89 19.58 8.92
C0S TZ0 E . -20.72 19.28 9.68
C0H TZ0 E . -19.81 19.06 10.24
C0G TZ0 E . -18.68 18.78 10.96
N09 TZ0 E . -18.06 19.69 11.68
C0A TZ0 E . -18.04 17.61 11.02
C0F TZ0 E . -18.23 16.39 10.48
N05 TZ0 E . -19.28 16.24 9.67
N06 TZ0 E . -17.41 15.37 10.72
C0L TZ0 E . -16.34 15.57 11.57
N08 TZ0 E . -16.15 16.83 12.12
C0B TZ0 E . -17.00 17.81 11.83
N04 TZ0 E . -17.01 19.08 12.24
C0K TZ0 E . -16.01 19.66 13.14
C0I TZ0 E . -16.49 20.96 13.80
C0Q TZ0 E . -14.77 20.00 12.34
C0T TZ0 E . -14.31 21.31 12.88
N07 TZ0 E . -15.56 22.00 13.36
C0P TZ0 E . -15.71 23.33 13.35
O03 TZ0 E . -16.75 23.91 13.74
C0M TZ0 E . -14.46 24.10 12.78
C0V TZ0 E . -14.65 25.60 12.59
S SO4 F . -30.53 35.61 0.37
O1 SO4 F . -29.35 35.38 -0.42
O2 SO4 F . -31.56 34.69 -0.05
O3 SO4 F . -30.23 35.40 1.75
O4 SO4 F . -30.99 36.96 0.17
C0N TZ0 G . 23.66 -19.06 -10.94
O01 TZ0 G . 24.54 -19.77 -10.04
C0E TZ0 G . 23.91 -20.40 -9.02
C0O TZ0 G . 24.56 -21.44 -8.34
C0C TZ0 G . 22.62 -20.05 -8.62
C0D TZ0 G . 21.99 -20.73 -7.57
O02 TZ0 G . 20.73 -20.37 -7.18
C0U TZ0 G . 20.37 -19.05 -7.62
C0R TZ0 G . 22.65 -21.76 -6.91
C0J TZ0 G . 23.93 -22.12 -7.29
C0S TZ0 G . 24.61 -23.16 -6.66
C0H TZ0 G . 25.20 -23.98 -6.16
C0G TZ0 G . 25.94 -25.03 -5.51
N09 TZ0 G . 25.76 -26.32 -5.79
C0A TZ0 G . 26.87 -24.87 -4.57
C0F TZ0 G . 27.41 -23.80 -3.95
N05 TZ0 G . 26.98 -22.59 -4.29
N06 TZ0 G . 28.37 -23.92 -3.02
C0L TZ0 G . 28.81 -25.20 -2.67
N08 TZ0 G . 28.24 -26.29 -3.33
C0B TZ0 G . 27.29 -26.11 -4.25
N04 TZ0 G . 26.61 -26.99 -4.99
C0K TZ0 G . 26.79 -28.47 -4.95
C0I TZ0 G . 26.38 -29.10 -6.29
C0Q TZ0 G . 25.92 -29.15 -3.90
C0T TZ0 G . 25.68 -30.52 -4.50
N07 TZ0 G . 25.47 -30.21 -5.94
C0P TZ0 G . 24.62 -30.74 -6.85
O03 TZ0 G . 24.56 -30.37 -8.02
C0M TZ0 G . 23.72 -31.90 -6.34
C0V TZ0 G . 22.28 -31.42 -6.15
S SO4 H . -6.22 -30.04 6.60
O1 SO4 H . -7.63 -30.08 6.34
O2 SO4 H . -5.50 -30.28 5.36
O3 SO4 H . -5.88 -31.06 7.55
O4 SO4 H . -5.86 -28.75 7.12
S SO4 I . 0.77 -12.58 10.79
O1 SO4 I . 0.79 -13.95 11.22
O2 SO4 I . 1.67 -12.41 9.69
O3 SO4 I . 1.15 -11.72 11.88
O4 SO4 I . -0.57 -12.24 10.36
S SO4 J . 10.46 -41.59 6.09
O1 SO4 J . 10.84 -42.98 6.13
O2 SO4 J . 9.32 -41.43 5.21
O3 SO4 J . 10.10 -41.14 7.40
O4 SO4 J . 11.56 -40.82 5.59
C0N TZ0 K . 16.18 7.09 16.23
O01 TZ0 K . 17.24 7.05 17.19
C0E TZ0 K . 18.52 7.03 16.67
C0O TZ0 K . 19.57 6.71 17.54
C0C TZ0 K . 18.81 7.34 15.33
C0D TZ0 K . 20.14 7.31 14.87
O02 TZ0 K . 20.51 7.60 13.58
C0U TZ0 K . 19.44 7.86 12.66
C0R TZ0 K . 21.16 6.97 15.75
C0J TZ0 K . 20.87 6.67 17.08
C0S TZ0 K . 21.98 6.34 17.89
C0H TZ0 K . 22.85 6.08 18.45
C0G TZ0 K . 23.99 5.79 19.23
N09 TZ0 K . 24.60 6.73 19.93
C0A TZ0 K . 24.62 4.63 19.39
C0F TZ0 K . 24.43 3.40 18.91
N05 TZ0 K . 23.41 3.23 18.10
N06 TZ0 K . 25.21 2.37 19.24
C0L TZ0 K . 26.27 2.58 20.11
N08 TZ0 K . 26.46 3.87 20.59
C0B TZ0 K . 25.63 4.86 20.22
N04 TZ0 K . 25.63 6.16 20.55
C0K TZ0 K . 26.61 6.86 21.45
C0I TZ0 K . 26.26 8.34 21.69
C0Q TZ0 K . 27.97 6.90 20.72
C0T TZ0 K . 28.63 8.23 21.02
N07 TZ0 K . 27.53 9.14 21.43
C0P TZ0 K . 27.61 10.48 21.55
O03 TZ0 K . 26.67 11.20 21.89
C0M TZ0 K . 28.98 11.11 21.26
C0V TZ0 K . 28.81 12.59 20.90
S SO4 L . 29.55 -4.25 1.66
O1 SO4 L . 30.54 -4.16 0.61
O2 SO4 L . 29.30 -5.63 1.96
O3 SO4 L . 28.33 -3.63 1.24
O4 SO4 L . 30.04 -3.59 2.84
S SO4 M . 41.96 18.74 16.33
O1 SO4 M . 42.52 17.41 16.29
O2 SO4 M . 40.56 18.66 16.00
O3 SO4 M . 42.64 19.59 15.40
O4 SO4 M . 42.10 19.27 17.66
S SO4 N . 15.72 24.27 9.09
O1 SO4 N . 15.54 22.86 9.32
O2 SO4 N . 16.81 24.47 8.17
O3 SO4 N . 16.02 24.92 10.33
O4 SO4 N . 14.52 24.82 8.53
C0N TZ0 O . -19.31 -6.13 -19.14
O01 TZ0 O . -18.44 -6.95 -18.34
C0E TZ0 O . -19.00 -7.47 -17.20
C0O TZ0 O . -18.33 -8.52 -16.57
C0C TZ0 O . -20.18 -6.97 -16.62
C0D TZ0 O . -20.68 -7.55 -15.46
O02 TZ0 O . -21.82 -7.10 -14.85
C0U TZ0 O . -22.79 -6.41 -15.64
C0R TZ0 O . -20.00 -8.59 -14.86
C0J TZ0 O . -18.83 -9.09 -15.40
C0S TZ0 O . -18.17 -10.11 -14.82
C0H TZ0 O . -17.67 -10.89 -14.38
C0G TZ0 O . -16.96 -11.98 -13.75
N09 TZ0 O . -17.15 -13.25 -14.02
C0A TZ0 O . -16.02 -11.85 -12.80
C0F TZ0 O . -15.45 -10.79 -12.19
N05 TZ0 O . -15.86 -9.57 -12.53
N06 TZ0 O . -14.50 -10.94 -11.26
C0L TZ0 O . -14.07 -12.22 -10.93
N08 TZ0 O . -14.66 -13.30 -11.58
C0B TZ0 O . -15.62 -13.08 -12.50
N04 TZ0 O . -16.31 -13.95 -13.23
C0K TZ0 O . -16.12 -15.44 -13.13
C0I TZ0 O . -16.82 -16.20 -14.26
C0Q TZ0 O . -16.79 -15.98 -11.83
C0T TZ0 O . -17.25 -17.39 -12.16
N07 TZ0 O . -17.58 -17.33 -13.62
C0P TZ0 O . -18.40 -18.13 -14.32
O03 TZ0 O . -18.60 -17.99 -15.52
C0M TZ0 O . -19.11 -19.26 -13.55
C0V TZ0 O . -20.42 -19.63 -14.24
#